data_2R6P
#
_entry.id   2R6P
#
loop_
_entity.id
_entity.type
_entity.pdbx_description
1 polymer 'Major envelope protein E'
2 polymer 'Heavy chain of 1A1D-2'
3 polymer 'Light chain of 1A1D-2'
#
loop_
_entity_poly.entity_id
_entity_poly.type
_entity_poly.pdbx_seq_one_letter_code
_entity_poly.pdbx_strand_id
1 'polypeptide(L)'
;MRCIGISNRDFVEGVSSWVDIVLEHGSCVTTMAKNKPTLDFELIKTEAKQPATLRKYCIEAKLTNTTTDSRCPTQGEPTL
NEEQDKRFVCKHSMVDRGWGNGCGLFGKGGIVTCAMFTCKKNMEGKIVQPENLEYTVVITPHSGEEHAVGNDTGKHGKEV
KITPQSSITEAELTGYGTVTMECSPRTGLDFNEMVLLQMKDKAWLVHRQWFLDLPLPWLPGAGSNWIQKETLVTFKNPHA
KKQDVVVLGSQEGAMHTALTGATEIQMSSGNLLFTGHLKCRLRMDKLQLKGMSYSMCTGKFKVVKEIAETQHGTIVIRVQ
YEGDGSPCKIPFEIMDLEKRHVLGRLITVNPIVTEKDSPVNIEAEPPFGDSYIIIGVEPGQLKLNWFKKG
;
A,B,C
2 'polypeptide(L)'
;EVQLQQSGAELVKPGASVKLSCTASGFNIKDTYMHWVKQRPEQGLEWIGRIDPANGYSKYDPKFQGKATITADTSSNAAY
LQLSSLTSEDTAVYFCARDYEGFAYWGQGTLVTVSSAKTTPPSVYPLAPGAAAATSSSVTLGCLVKGYFPEPVTLTWNSG
SLSSGVHTFPAVLQSDLYTLSSSVTVTSSTWPSQTITCNVAHPASSTKVDKKIEPR
;
D,F
3 'polypeptide(L)'
;DIVLTQSPASLAVSLGQRATISCRASESVVRYGNSFMHWYQQKPGQPPKLLIYRASSLESGIPTRFSGSGSRTDFTLTIN
PVEADDVATYYCQQTNVDPWAFGGGTKLEIKRADAAPTVSIFPPSSEQLTSGGASVVCFLNNFYPKDINVKWKIDRQNGV
LNSWTDQDSTYSMSSTLTLTKDEYERHNSYTCEATSPIVKSFNRNE
;
E,G
#
# COMPACT_ATOMS: atom_id res chain seq x y z
CA MET A 1 40.64 -50.26 41.28
CA ARG A 2 40.28 -46.99 39.38
CA CYS A 3 40.14 -48.65 35.92
CA ILE A 4 36.94 -50.44 36.74
CA GLY A 5 34.10 -48.74 34.93
CA ILE A 6 36.24 -47.19 31.82
CA SER A 7 35.80 -48.57 28.72
CA ASN A 8 39.15 -47.99 27.12
CA ARG A 9 41.17 -50.28 29.75
CA ASP A 10 43.46 -52.61 28.97
CA PHE A 11 44.37 -55.90 30.71
CA VAL A 12 48.06 -56.79 30.87
CA GLU A 13 49.42 -59.93 32.68
CA GLY A 14 53.12 -59.85 34.04
CA VAL A 15 55.54 -62.79 33.92
CA SER A 16 57.55 -64.58 36.61
CA SER A 17 59.49 -59.25 37.11
CA TRP A 18 58.85 -57.27 33.91
CA VAL A 19 55.77 -55.99 32.23
CA ASP A 20 55.09 -53.85 29.36
CA ILE A 21 52.28 -51.27 29.27
CA VAL A 22 51.07 -48.31 27.20
CA LEU A 23 49.34 -45.32 28.69
CA GLU A 24 47.44 -42.46 27.07
CA HIS A 25 44.94 -39.87 28.33
CA GLY A 26 41.57 -41.56 28.63
CA SER A 27 42.98 -45.09 28.64
CA CYS A 28 43.66 -47.19 31.72
CA VAL A 29 45.64 -50.33 32.35
CA THR A 30 45.25 -53.15 34.84
CA THR A 31 48.36 -55.25 35.40
CA MET A 32 48.60 -58.69 36.79
CA ALA A 33 51.63 -60.69 37.78
CA LYS A 34 51.01 -63.68 40.04
CA ASN A 35 52.10 -63.70 43.65
CA LYS A 36 51.94 -60.02 42.95
CA PRO A 37 49.26 -57.32 43.51
CA THR A 38 46.94 -56.20 40.76
CA LEU A 39 47.53 -52.62 39.76
CA ASP A 40 45.64 -49.96 37.87
CA PHE A 41 47.62 -47.45 35.83
CA GLU A 42 46.43 -44.16 34.43
CA LEU A 43 48.15 -41.18 32.82
CA ILE A 44 46.52 -38.26 34.51
CA LYS A 45 48.64 -35.26 33.29
CA THR A 46 51.32 -34.10 30.85
CA GLU A 47 53.17 -30.90 31.77
CA ALA A 48 55.43 -28.72 29.64
CA LYS A 49 58.03 -27.13 31.85
CA GLN A 50 55.82 -17.40 28.56
CA PRO A 51 56.92 -19.44 25.44
CA ALA A 52 57.76 -17.71 22.16
CA THR A 53 56.06 -16.26 19.17
CA LEU A 54 57.30 -17.83 15.94
CA ARG A 55 55.00 -15.55 14.01
CA LYS A 56 51.82 -13.46 14.29
CA TYR A 57 49.04 -13.50 11.64
CA CYS A 58 46.48 -10.80 10.93
CA ILE A 59 43.10 -12.39 10.30
CA GLU A 60 40.98 -9.26 10.05
CA ALA A 61 41.98 -5.89 8.62
CA LYS A 62 40.88 -2.30 8.05
CA LEU A 63 41.51 -0.05 5.05
CA THR A 64 41.35 3.65 5.61
CA ASN A 65 42.89 7.02 4.85
CA THR A 66 42.83 6.38 1.10
CA THR A 67 44.92 8.75 -0.91
CA THR A 68 45.75 8.86 -4.57
CA ASP A 69 47.91 10.65 -7.13
CA SER A 70 46.94 10.88 -10.78
CA ARG A 71 48.98 12.44 -13.56
CA CYS A 72 47.91 13.81 -16.93
CA PRO A 73 48.56 11.84 -20.17
CA THR A 74 51.79 13.80 -20.52
CA GLN A 75 52.88 14.36 -16.90
CA GLY A 76 54.43 10.89 -16.62
CA GLU A 77 54.39 8.67 -13.50
CA PRO A 78 52.33 9.00 -10.27
CA THR A 79 53.92 9.34 -6.84
CA LEU A 80 52.69 9.24 -3.29
CA ASN A 81 54.81 9.55 -0.24
CA GLU A 82 52.49 6.94 1.18
CA GLU A 83 54.36 4.56 -1.13
CA GLN A 84 57.11 4.60 1.48
CA ASP A 85 54.92 4.36 4.56
CA LYS A 86 55.04 0.65 5.12
CA ARG A 87 51.61 0.85 6.73
CA PHE A 88 50.12 1.65 3.35
CA VAL A 89 49.31 -0.74 0.57
CA CYS A 90 49.56 0.60 -3.01
CA LYS A 91 48.94 -0.19 -6.66
CA HIS A 92 49.51 1.59 -10.00
CA SER A 93 46.89 1.74 -12.74
CA MET A 94 45.94 3.97 -15.70
CA VAL A 95 42.78 6.05 -16.21
CA ASP A 96 41.35 8.12 -19.01
CA ARG A 97 42.22 11.80 -18.81
CA GLY A 98 41.20 14.89 -20.80
CA TRP A 99 39.82 18.41 -20.71
CA GLY A 100 36.83 17.07 -18.77
CA ASN A 101 38.90 16.17 -15.74
CA GLY A 102 41.86 18.55 -15.76
CA CYS A 103 44.25 17.84 -18.60
CA GLY A 104 45.01 19.68 -21.82
CA LEU A 105 45.75 16.37 -23.46
CA PHE A 106 43.66 13.28 -23.97
CA GLY A 107 44.82 9.78 -23.09
CA LYS A 108 45.72 7.45 -20.28
CA GLY A 109 47.22 9.24 -17.34
CA GLY A 110 48.77 7.14 -14.63
CA ILE A 111 47.47 6.77 -11.11
CA VAL A 112 48.59 5.22 -7.88
CA THR A 113 46.18 4.56 -5.05
CA CYS A 114 47.32 3.79 -1.50
CA ALA A 115 45.46 3.05 1.74
CA MET A 116 46.60 2.47 5.29
CA PHE A 117 46.22 -1.15 6.39
CA THR A 118 45.26 -1.78 9.99
CA CYS A 119 44.96 -5.13 11.70
CA LYS A 120 41.72 -5.55 13.70
CA LYS A 121 42.10 -9.12 15.01
CA ASN A 122 44.98 -11.64 15.08
CA MET A 123 46.30 -15.11 15.98
CA GLU A 124 49.79 -16.10 17.15
CA GLY A 125 51.92 -19.16 16.60
CA LYS A 126 54.01 -20.27 19.55
CA ILE A 127 56.90 -22.62 20.00
CA VAL A 128 56.32 -25.14 22.73
CA GLN A 129 58.84 -27.11 24.86
CA PRO A 130 57.53 -29.86 27.14
CA GLU A 131 61.63 -36.06 26.21
CA ASN A 132 61.46 -32.88 28.26
CA LEU A 133 57.69 -33.12 29.13
CA GLU A 134 56.77 -34.30 32.57
CA TYR A 135 54.17 -36.98 32.99
CA THR A 136 52.00 -37.72 35.97
CA VAL A 137 50.71 -41.28 36.45
CA VAL A 138 48.42 -42.73 39.08
CA ILE A 139 48.89 -46.24 40.35
CA THR A 140 45.93 -47.69 42.23
CA PRO A 141 46.43 -51.21 43.66
CA HIS A 142 43.40 -53.55 43.77
CA SER A 143 43.16 -53.43 47.55
CA GLY A 144 39.40 -54.02 47.47
CA GLU A 145 38.67 -51.02 49.69
CA GLU A 146 34.94 -50.23 50.13
CA HIS A 147 35.31 -47.14 47.97
CA ALA A 148 38.21 -48.09 45.66
CA VAL A 149 36.19 -49.11 42.54
CA GLY A 150 36.66 -46.55 39.78
CA ASN A 151 37.29 -43.82 42.33
CA ASP A 152 38.37 -40.81 40.24
CA THR A 153 39.86 -38.83 43.10
CA GLY A 154 43.40 -40.07 43.52
CA LYS A 155 43.42 -40.80 47.22
CA HIS A 156 43.41 -44.52 46.62
CA GLY A 157 46.55 -44.19 44.57
CA LYS A 158 50.06 -42.87 44.36
CA GLU A 159 50.80 -40.15 41.88
CA VAL A 160 54.08 -40.53 40.09
CA LYS A 161 55.89 -38.02 37.91
CA ILE A 162 57.94 -39.50 35.15
CA THR A 163 60.56 -37.08 34.16
CA PRO A 164 61.75 -37.93 30.66
CA GLN A 165 64.56 -36.03 31.94
CA SER A 166 65.58 -36.74 35.08
CA SER A 167 64.84 -40.41 34.64
CA ILE A 168 63.48 -43.71 35.88
CA THR A 169 60.88 -43.29 38.60
CA GLU A 170 60.51 -45.55 41.65
CA ALA A 171 57.33 -46.02 43.70
CA GLU A 172 56.25 -46.60 47.25
CA LEU A 173 53.13 -48.73 47.25
CA THR A 174 52.37 -48.62 50.95
CA GLY A 175 51.91 -52.05 52.49
CA TYR A 176 52.76 -53.56 49.11
CA GLY A 177 56.36 -52.54 48.64
CA THR A 178 57.93 -50.79 45.72
CA VAL A 179 57.53 -50.80 41.97
CA THR A 180 59.60 -49.21 39.20
CA MET A 181 58.94 -47.41 35.94
CA GLU A 182 60.82 -46.61 32.76
CA CYS A 183 58.75 -45.03 30.00
CA SER A 184 59.25 -43.79 26.49
CA PRO A 185 57.26 -40.86 25.06
CA ARG A 186 55.73 -42.26 21.92
CA THR A 187 53.54 -40.77 19.17
CA GLY A 188 52.96 -40.77 15.46
CA LEU A 189 53.52 -35.94 17.86
CA ASP A 190 56.98 -34.50 17.40
CA PHE A 191 56.83 -31.12 19.07
CA ASN A 192 59.63 -29.28 17.38
CA GLU A 193 57.82 -29.63 14.10
CA MET A 194 54.54 -28.50 15.58
CA VAL A 195 53.28 -25.13 16.72
CA LEU A 196 50.74 -23.90 19.24
CA LEU A 197 48.34 -21.70 17.28
CA GLN A 198 46.16 -19.41 19.42
CA MET A 199 42.99 -17.67 18.27
CA LYS A 200 41.52 -16.06 21.31
CA ASP A 201 40.28 -18.77 23.64
CA LYS A 202 40.91 -21.59 21.16
CA ALA A 203 44.27 -23.15 20.20
CA TRP A 204 45.53 -26.15 18.26
CA LEU A 205 48.90 -27.76 17.66
CA VAL A 206 49.87 -27.43 14.01
CA HIS A 207 52.93 -28.16 11.85
CA ARG A 208 55.60 -25.59 11.14
CA GLN A 209 55.46 -25.30 7.30
CA TRP A 210 51.70 -25.39 7.27
CA PHE A 211 51.70 -22.51 9.74
CA LEU A 212 54.32 -20.56 7.85
CA ASP A 213 52.66 -21.16 4.50
CA LEU A 214 49.61 -19.38 5.81
CA PRO A 215 48.47 -16.85 3.13
CA LEU A 216 47.99 -13.99 5.53
CA PRO A 217 49.58 -10.76 6.67
CA TRP A 218 52.13 -11.28 9.43
CA LEU A 219 54.57 -9.84 11.91
CA PRO A 220 57.86 -11.52 12.91
CA GLY A 221 57.83 -13.51 16.15
CA ALA A 222 60.45 -10.93 17.08
CA GLY A 223 53.38 -3.53 14.88
CA SER A 224 56.46 -3.16 12.75
CA ASN A 225 54.64 -3.20 9.48
CA TRP A 226 52.73 -6.27 8.53
CA ILE A 227 54.19 -8.38 5.80
CA GLN A 228 52.20 -9.54 2.79
CA LYS A 229 49.22 -7.26 3.35
CA GLU A 230 48.07 -7.74 -0.24
CA THR A 231 46.86 -11.16 0.74
CA LEU A 232 43.94 -9.26 2.27
CA VAL A 233 43.79 -6.26 -0.04
CA THR A 234 42.33 -5.87 -3.51
CA PHE A 235 42.47 -3.13 -6.16
CA LYS A 236 39.96 -2.54 -8.92
CA ASN A 237 39.78 -0.29 -11.98
CA PRO A 238 37.02 -1.71 -14.23
CA HIS A 239 36.36 1.22 -16.57
CA ALA A 240 39.59 3.19 -16.45
CA LYS A 241 37.82 5.87 -14.39
CA LYS A 242 39.22 5.50 -10.90
CA GLN A 243 40.78 2.78 -8.82
CA ASP A 244 39.27 1.43 -5.65
CA VAL A 245 40.83 -0.71 -2.92
CA VAL A 246 39.11 -3.06 -0.53
CA VAL A 247 39.94 -5.54 2.20
CA LEU A 248 38.75 -9.15 2.31
CA GLY A 249 37.06 -9.60 5.63
CA SER A 250 37.69 -11.86 8.57
CA GLN A 251 39.46 -15.06 7.77
CA GLU A 252 38.51 -16.28 11.26
CA GLY A 253 35.87 -18.75 10.08
CA ALA A 254 38.14 -19.61 7.21
CA MET A 255 40.95 -20.57 9.61
CA HIS A 256 38.73 -22.75 11.80
CA THR A 257 37.72 -24.64 8.70
CA ALA A 258 41.38 -25.28 7.92
CA LEU A 259 41.93 -26.39 11.48
CA THR A 260 39.18 -28.98 11.15
CA GLY A 261 39.39 -30.87 14.40
CA ALA A 262 43.20 -30.93 14.19
CA THR A 263 45.04 -31.36 17.41
CA GLU A 264 42.91 -28.92 19.38
CA ILE A 265 44.08 -27.89 22.85
CA GLN A 266 42.05 -24.84 23.37
CA MET A 267 40.84 -24.34 26.78
CA SER A 268 40.30 -25.92 30.03
CA SER A 269 39.42 -22.74 31.89
CA GLY A 270 41.67 -20.38 29.93
CA ASN A 271 46.31 -28.56 31.32
CA LEU A 272 47.55 -30.58 28.36
CA LEU A 273 45.88 -33.51 26.67
CA PHE A 274 49.00 -35.37 25.44
CA THR A 275 48.55 -36.51 21.83
CA GLY A 276 49.80 -40.05 21.67
CA HIS A 277 51.24 -42.79 23.84
CA LEU A 278 53.73 -43.43 26.59
CA LYS A 279 55.26 -46.92 26.47
CA CYS A 280 56.50 -48.12 29.82
CA ARG A 281 58.23 -51.05 31.43
CA LEU A 282 57.40 -52.05 35.03
CA ARG A 283 59.45 -54.19 37.38
CA MET A 284 57.60 -55.70 40.37
CA ASP A 285 60.27 -57.88 42.02
CA LYS A 286 60.33 -55.49 44.95
CA LEU A 287 56.55 -55.78 45.35
CA GLN A 288 54.56 -58.32 47.34
CA LEU A 289 51.01 -59.43 47.99
CA SER A 293 34.66 -55.73 32.00
CA TYR A 294 34.64 -57.90 35.20
CA SER A 295 32.18 -60.65 36.13
CA MET A 296 31.07 -62.91 33.22
CA CYS A 297 27.54 -62.84 31.76
CA THR A 298 24.53 -64.41 33.49
CA GLY A 299 21.93 -64.39 30.75
CA LYS A 300 21.26 -66.94 28.01
CA PHE A 301 23.16 -66.99 24.75
CA LYS A 302 22.00 -67.45 21.20
CA VAL A 303 23.90 -67.83 17.94
CA VAL A 304 22.38 -65.61 15.26
CA LYS A 305 24.21 -66.83 12.18
CA GLU A 306 26.85 -68.79 10.36
CA ILE A 307 29.77 -70.43 12.09
CA ALA A 308 32.04 -69.61 9.20
CA GLU A 309 35.10 -71.72 8.44
CA THR A 310 37.75 -69.08 7.85
CA GLN A 311 40.52 -70.55 5.68
CA HIS A 312 43.17 -69.04 7.84
CA GLY A 313 42.11 -71.75 10.35
CA THR A 314 39.24 -70.42 12.55
CA ILE A 315 35.51 -70.68 13.32
CA VAL A 316 33.91 -67.25 13.64
CA ILE A 317 30.79 -67.70 15.74
CA ARG A 318 28.45 -64.70 15.85
CA VAL A 319 26.06 -64.40 18.77
CA GLN A 320 23.45 -62.10 20.26
CA TYR A 321 22.88 -61.90 24.01
CA GLU A 322 19.48 -61.97 25.77
CA GLY A 323 20.30 -61.35 29.39
CA ASP A 324 20.55 -59.71 32.80
CA GLY A 325 23.85 -57.83 32.63
CA SER A 326 24.36 -56.09 29.28
CA PRO A 327 28.04 -54.99 29.52
CA CYS A 328 29.40 -58.36 30.76
CA LYS A 329 32.12 -60.63 29.48
CA ILE A 330 31.22 -63.55 27.24
CA PRO A 331 31.33 -67.02 28.85
CA PHE A 332 33.16 -68.83 26.03
CA GLU A 333 34.61 -72.07 27.25
CA ILE A 334 35.41 -74.78 24.61
CA MET A 335 36.13 -78.33 25.81
CA ASP A 336 36.94 -81.88 24.64
CA LEU A 337 34.57 -84.83 24.15
CA GLU A 338 35.04 -85.81 27.82
CA LYS A 339 35.54 -82.77 30.00
CA ARG A 340 39.16 -82.71 31.10
CA HIS A 341 37.97 -79.11 30.70
CA VAL A 342 39.87 -77.38 27.84
CA LEU A 343 40.65 -77.77 24.17
CA GLY A 344 40.82 -74.81 21.82
CA ARG A 345 42.23 -71.31 21.36
CA LEU A 346 40.52 -67.92 21.64
CA ILE A 347 41.65 -65.51 18.90
CA THR A 348 39.29 -62.57 18.88
CA VAL A 349 40.59 -59.45 20.89
CA ASN A 350 39.57 -60.67 24.31
CA PRO A 351 35.82 -59.39 23.60
CA ILE A 352 32.75 -58.53 25.92
CA VAL A 353 28.93 -58.11 25.39
CA THR A 354 28.27 -54.39 25.55
CA GLU A 355 24.87 -54.62 23.91
CA LYS A 356 21.65 -56.41 23.00
CA ASP A 357 21.71 -53.89 20.18
CA SER A 358 24.94 -55.49 18.97
CA PRO A 359 25.70 -59.17 18.25
CA VAL A 360 29.05 -60.21 19.78
CA ASN A 361 31.37 -61.75 17.25
CA ILE A 362 33.83 -64.51 18.14
CA GLU A 363 36.87 -66.20 16.59
CA ALA A 364 38.48 -69.36 17.89
CA GLU A 365 41.37 -71.52 16.76
CA PRO A 366 39.74 -74.90 17.01
CA PRO A 367 41.70 -78.17 16.86
CA PHE A 368 41.47 -80.07 13.56
CA GLY A 369 39.21 -82.74 15.15
CA ASP A 370 36.00 -83.75 17.02
CA SER A 371 35.21 -81.20 19.76
CA TYR A 372 32.58 -79.37 21.87
CA ILE A 373 32.04 -75.61 22.05
CA ILE A 374 30.30 -73.77 24.87
CA ILE A 375 28.83 -70.34 25.54
CA GLY A 376 26.98 -69.23 28.70
CA VAL A 377 26.20 -70.07 32.36
CA GLU A 378 24.62 -73.41 33.31
CA PRO A 379 20.95 -72.61 32.54
CA GLY A 380 20.29 -72.15 28.82
CA GLN A 381 23.90 -72.77 27.84
CA LEU A 382 25.12 -72.94 24.24
CA LYS A 383 26.64 -76.33 23.72
CA LEU A 384 27.75 -76.61 20.11
CA ASN A 385 29.25 -79.85 18.81
CA TRP A 386 31.79 -78.63 16.33
CA PHE A 387 33.10 -82.15 16.33
CA LYS A 388 34.09 -82.11 12.67
CA LYS A 389 37.38 -81.33 11.00
CA MET B 1 -33.92 76.79 -4.14
CA ARG B 2 -33.14 75.63 -0.62
CA CYS B 3 -29.39 75.19 -1.26
CA ILE B 4 -28.91 78.85 -1.93
CA GLY B 5 -27.19 80.43 1.05
CA ILE B 6 -25.26 77.11 2.42
CA SER B 7 -21.87 76.97 2.05
CA ASN B 8 -21.26 73.26 1.77
CA ARG B 9 -23.38 72.85 -1.64
CA ASP B 10 -22.37 71.18 -4.37
CA PHE B 11 -23.12 71.78 -8.08
CA VAL B 12 -23.74 68.71 -10.23
CA GLU B 13 -24.68 68.89 -13.98
CA GLY B 14 -26.72 65.89 -15.54
CA VAL B 15 -26.17 64.48 -19.03
CA SER B 16 -28.49 63.94 -21.99
CA SER B 17 -31.06 60.83 -17.97
CA TRP B 18 -28.61 59.92 -15.19
CA VAL B 19 -26.83 61.86 -12.55
CA ASP B 20 -24.73 61.04 -9.70
CA ILE B 21 -24.89 62.84 -6.35
CA VAL B 22 -23.68 62.50 -2.75
CA LEU B 23 -25.67 63.70 0.22
CA GLU B 24 -24.70 64.15 3.86
CA HIS B 25 -26.17 66.08 6.78
CA GLY B 26 -25.22 69.72 6.38
CA SER B 27 -24.39 69.42 2.68
CA CYS B 28 -26.70 70.32 -0.19
CA VAL B 29 -26.67 69.56 -3.87
CA THR B 30 -27.99 71.45 -6.88
CA THR B 31 -28.49 69.36 -10.01
CA MET B 32 -28.71 70.52 -13.54
CA ALA B 33 -29.60 68.63 -16.66
CA LYS B 34 -30.60 70.70 -19.68
CA ASN B 35 -34.16 70.79 -20.93
CA LYS B 36 -34.66 69.70 -17.38
CA PRO B 37 -35.49 71.55 -14.12
CA THR B 38 -32.84 72.53 -11.64
CA LEU B 39 -33.18 70.70 -8.36
CA ASP B 40 -31.89 71.11 -4.84
CA PHE B 41 -31.23 68.01 -2.79
CA GLU B 42 -30.75 67.75 0.93
CA LEU B 43 -30.56 64.86 3.40
CA ILE B 44 -32.74 66.05 6.23
CA LYS B 45 -33.01 62.91 8.49
CA THR B 46 -31.68 59.40 9.16
CA GLU B 47 -33.93 57.10 11.18
CA ALA B 48 -33.13 53.81 12.85
CA LYS B 49 -36.23 51.65 12.85
CA GLN B 50 -35.85 49.97 23.21
CA PRO B 51 -32.54 48.59 21.72
CA ALA B 52 -30.23 46.35 23.75
CA THR B 53 -27.60 46.61 26.38
CA LEU B 54 -24.35 44.96 25.28
CA ARG B 55 -22.82 45.83 28.62
CA LYS B 56 -23.10 48.24 31.56
CA TYR B 57 -20.07 49.99 33.14
CA CYS B 58 -19.75 51.36 36.65
CA ILE B 59 -17.96 54.70 36.56
CA GLU B 60 -18.30 55.69 40.20
CA ALA B 61 -18.27 53.41 43.23
CA LYS B 62 -18.66 53.24 47.01
CA LEU B 63 -16.74 51.14 49.53
CA THR B 64 -18.42 50.42 52.80
CA ASN B 65 -19.12 47.86 55.49
CA THR B 66 -15.43 46.96 55.81
CA THR B 67 -14.77 43.79 57.70
CA THR B 68 -11.58 41.89 58.36
CA ASP B 69 -10.24 38.66 59.82
CA SER B 70 -6.74 38.39 61.23
CA ARG B 71 -5.10 35.26 62.57
CA CYS B 72 -2.19 34.85 64.99
CA PRO B 73 1.29 33.83 63.75
CA THR B 74 0.32 30.23 64.46
CA GLN B 75 -3.43 30.17 63.72
CA GLY B 76 -2.89 29.80 59.97
CA GLU B 77 -5.05 31.40 57.23
CA PRO B 78 -7.72 34.14 57.50
CA THR B 79 -11.33 33.63 56.44
CA LEU B 80 -14.32 35.85 55.94
CA ASN B 81 -17.68 34.73 54.76
CA GLU B 82 -17.68 38.01 52.88
CA GLU B 83 -15.15 36.27 50.61
CA GLN B 84 -18.15 34.54 49.06
CA ASP B 85 -20.47 37.53 48.89
CA LYS B 86 -19.82 38.62 45.35
CA ARG B 87 -20.67 42.17 46.37
CA PHE B 88 -17.50 42.28 48.42
CA VAL B 89 -13.99 42.87 47.19
CA CYS B 90 -11.17 41.19 49.16
CA LYS B 91 -7.41 40.89 49.53
CA HIS B 92 -5.00 38.87 51.73
CA SER B 93 -1.98 40.39 53.44
CA MET B 94 0.24 39.74 56.49
CA VAL B 95 0.68 41.91 59.61
CA ASP B 96 2.90 41.80 62.66
CA ARG B 97 1.35 40.03 65.63
CA GLY B 98 2.42 39.50 69.25
CA TRP B 99 1.48 39.80 72.91
CA GLY B 100 0.73 43.50 72.30
CA ASN B 101 -2.19 42.77 70.03
CA GLY B 102 -3.55 39.40 71.15
CA CYS B 103 -1.18 36.56 70.32
CA GLY B 104 1.04 34.40 72.48
CA LEU B 105 3.45 34.15 69.61
CA PHE B 106 5.36 36.76 67.67
CA GLY B 107 5.43 36.94 63.89
CA LYS B 108 3.39 37.61 60.79
CA GLY B 109 -0.22 36.62 61.20
CA GLY B 110 -2.36 36.60 58.11
CA ILE B 111 -5.24 38.96 57.40
CA VAL B 112 -7.94 39.34 54.84
CA THR B 113 -9.86 42.57 54.43
CA CYS B 114 -13.13 42.81 52.49
CA ALA B 115 -15.50 45.68 51.71
CA MET B 116 -18.83 45.87 49.95
CA PHE B 117 -18.60 47.55 46.55
CA THR B 118 -21.53 49.68 45.47
CA CYS B 119 -21.98 51.39 42.14
CA LYS B 120 -23.02 55.07 42.43
CA LYS B 121 -23.16 56.10 38.76
CA ASN B 122 -23.01 54.20 35.44
CA MET B 123 -22.98 54.25 31.62
CA GLU B 124 -24.48 51.69 29.21
CA GLY B 125 -23.43 50.44 25.82
CA LYS B 126 -26.23 49.71 23.38
CA ILE B 127 -26.49 47.86 20.13
CA VAL B 128 -28.08 49.92 17.41
CA GLN B 129 -29.94 48.80 14.24
CA PRO B 130 -30.89 51.46 11.67
CA GLU B 131 -28.88 49.17 4.83
CA ASN B 132 -31.76 49.05 7.28
CA LEU B 133 -31.71 52.80 8.20
CA GLU B 134 -34.32 55.02 6.65
CA TYR B 135 -33.32 58.25 5.03
CA THR B 136 -35.38 61.35 4.44
CA VAL B 137 -34.43 63.64 1.54
CA VAL B 138 -35.91 66.92 0.44
CA ILE B 139 -36.06 67.85 -3.22
CA THR B 140 -36.72 71.53 -3.91
CA PRO B 141 -37.01 72.48 -7.62
CA HIS B 142 -35.74 75.93 -8.69
CA SER B 143 -39.23 77.24 -9.39
CA GLY B 144 -38.18 80.81 -8.57
CA GLU B 145 -41.05 81.31 -6.12
CA GLU B 146 -40.94 84.64 -4.20
CA HIS B 147 -40.01 82.79 -1.01
CA ALA B 148 -38.18 79.71 -2.36
CA VAL B 149 -34.55 80.91 -1.83
CA GLY B 150 -32.91 78.94 0.96
CA ASN B 151 -36.27 78.36 2.62
CA ASP B 152 -35.53 75.91 5.45
CA THR B 153 -39.12 74.86 6.05
CA GLY B 154 -39.83 72.10 3.57
CA LYS B 155 -43.03 73.39 2.04
CA HIS B 156 -41.28 74.25 -1.20
CA GLY B 157 -40.14 70.69 -1.53
CA LYS B 158 -41.08 67.07 -1.52
CA GLU B 159 -39.82 64.87 1.27
CA VAL B 160 -38.72 61.46 0.18
CA LYS B 161 -37.88 58.45 2.32
CA ILE B 162 -35.27 56.16 0.91
CA THR B 163 -35.68 52.80 2.41
CA PRO B 164 -32.42 50.92 2.04
CA GLN B 165 -34.79 48.20 2.48
CA SER B 166 -37.68 48.41 0.72
CA SER B 167 -35.93 49.97 -2.24
CA ILE B 168 -35.73 52.50 -5.03
CA THR B 169 -37.85 55.58 -4.37
CA GLU B 170 -39.87 57.46 -7.00
CA ALA B 171 -40.96 61.11 -6.79
CA GLU B 172 -43.83 63.32 -7.77
CA LEU B 173 -42.51 66.75 -8.60
CA THR B 174 -45.81 68.53 -9.10
CA GLY B 175 -46.03 70.36 -12.40
CA TYR B 176 -42.61 68.99 -13.27
CA GLY B 177 -43.24 65.29 -13.51
CA THR B 178 -41.41 62.50 -11.79
CA VAL B 179 -37.86 61.73 -10.78
CA THR B 180 -36.25 58.57 -9.42
CA MET B 181 -33.68 57.69 -6.79
CA GLU B 182 -31.38 54.79 -5.97
CA CYS B 183 -28.91 55.42 -3.17
CA SER B 184 -26.16 53.57 -1.39
CA PRO B 185 -25.37 54.14 2.30
CA ARG B 186 -21.71 54.98 2.31
CA THR B 187 -19.19 55.74 5.09
CA GLY B 188 -15.65 55.16 6.17
CA LEU B 189 -19.52 54.02 9.78
CA ASP B 190 -20.28 50.32 9.96
CA PHE B 191 -22.88 50.03 12.69
CA ASN B 192 -22.49 46.45 13.76
CA GLU B 193 -18.96 47.21 14.84
CA MET B 194 -20.02 50.32 16.68
CA VAL B 195 -21.90 50.89 19.92
CA LEU B 196 -24.10 53.62 21.32
CA LEU B 197 -22.52 54.61 24.64
CA GLN B 198 -24.77 56.60 26.97
CA MET B 199 -23.61 58.65 29.94
CA LYS B 200 -26.64 60.46 31.19
CA ASP B 201 -27.66 63.05 28.64
CA LYS B 202 -24.59 62.52 26.45
CA ALA B 203 -23.90 59.60 24.08
CA TRP B 204 -21.39 58.71 21.36
CA LEU B 205 -21.02 55.90 18.86
CA VAL B 206 -17.95 53.82 19.67
CA HIS B 207 -16.36 50.59 18.44
CA ARG B 208 -17.06 47.22 19.99
CA GLN B 209 -13.59 46.12 21.21
CA TRP B 210 -12.75 49.55 22.46
CA PHE B 211 -15.97 49.50 24.49
CA LEU B 212 -15.39 46.00 25.77
CA ASP B 213 -11.75 46.68 26.60
CA LEU B 214 -12.90 49.36 29.00
CA PRO B 215 -11.01 48.89 32.31
CA LEU B 216 -14.05 49.26 34.50
CA PRO B 217 -16.47 47.24 36.60
CA TRP B 218 -19.37 45.89 34.58
CA LEU B 219 -22.63 44.00 34.43
CA PRO B 220 -23.70 41.77 31.50
CA GLY B 221 -26.04 43.33 28.95
CA ALA B 222 -28.27 40.50 30.15
CA GLY B 223 -27.16 44.22 39.86
CA SER B 224 -25.94 40.67 39.60
CA ASN B 225 -22.53 41.37 40.99
CA TRP B 226 -20.28 43.68 39.11
CA ILE B 227 -17.37 42.12 37.33
CA GLN B 228 -13.81 43.35 37.69
CA LYS B 229 -14.44 45.61 40.67
CA GLU B 230 -10.74 45.70 41.49
CA THR B 231 -10.29 48.06 38.59
CA LEU B 232 -11.72 50.65 40.99
CA VAL B 233 -10.52 49.25 44.30
CA THR B 234 -7.12 49.44 46.00
CA PHE B 235 -5.60 47.76 49.04
CA LYS B 236 -2.72 49.06 51.12
CA ASN B 237 -0.57 47.67 53.95
CA PRO B 238 2.54 49.92 54.16
CA HIS B 239 3.88 49.00 57.59
CA ALA B 240 2.47 45.54 58.21
CA LYS B 241 0.07 47.02 60.77
CA LYS B 242 -3.31 46.89 59.12
CA GLN B 243 -4.68 46.85 55.62
CA ASP B 244 -6.88 49.56 54.19
CA VAL B 245 -9.02 49.55 51.06
CA VAL B 246 -10.13 52.50 48.96
CA VAL B 247 -12.03 53.25 45.79
CA LEU B 248 -10.73 55.37 42.91
CA GLY B 249 -13.30 58.03 42.32
CA SER B 250 -15.43 58.96 39.37
CA GLN B 251 -14.03 58.02 36.03
CA GLU B 252 -16.65 60.27 34.45
CA GLY B 253 -14.24 63.00 33.42
CA ALA B 254 -11.77 60.30 32.50
CA MET B 255 -14.26 58.73 30.08
CA HIS B 256 -15.12 62.02 28.37
CA THR B 257 -11.44 62.53 27.75
CA ALA B 258 -11.27 59.16 26.07
CA LEU B 259 -14.32 60.02 24.03
CA THR B 260 -12.62 63.15 22.73
CA GLY B 261 -15.05 64.46 20.18
CA ALA B 262 -15.62 60.94 18.82
CA THR B 263 -18.83 60.34 17.03
CA GLU B 264 -21.01 62.20 19.52
CA ILE B 265 -24.79 61.89 19.22
CA GLN B 266 -25.83 63.05 22.59
CA MET B 267 -28.90 65.04 22.66
CA SER B 268 -31.28 66.93 20.65
CA SER B 269 -33.84 67.41 23.40
CA GLY B 270 -33.26 64.11 25.20
CA ASN B 271 -32.86 62.58 15.83
CA LEU B 272 -29.73 61.12 14.27
CA LEU B 273 -26.88 62.95 12.61
CA PHE B 274 -25.79 60.27 10.10
CA THR B 275 -21.99 59.90 10.08
CA GLY B 276 -20.96 59.71 6.46
CA HIS B 277 -22.39 59.80 2.98
CA LEU B 278 -25.23 58.53 0.86
CA LYS B 279 -24.33 58.07 -2.81
CA CYS B 280 -27.28 58.28 -5.12
CA ARG B 281 -28.20 57.99 -8.77
CA LEU B 282 -31.02 60.12 -10.22
CA ARG B 283 -32.93 59.54 -13.45
CA MET B 284 -34.83 62.55 -14.85
CA ASP B 285 -36.20 61.23 -18.17
CA LYS B 286 -39.68 61.38 -16.71
CA LEU B 287 -39.19 65.03 -15.74
CA GLN B 288 -39.81 68.14 -17.80
CA LEU B 289 -39.32 71.89 -17.69
CA LYS B 290 -42.31 73.96 -16.70
CA GLY B 291 -43.88 76.40 -19.12
CA MET B 292 -42.17 75.62 -22.41
CA SER B 293 -44.98 77.01 -24.45
CA TYR B 294 -45.19 80.20 -22.54
CA SER B 295 -44.87 83.47 -24.28
CA MET B 296 -41.84 85.66 -23.94
CA CYS B 297 -42.61 88.37 -21.39
CA THR B 298 -42.87 91.60 -23.32
CA GLY B 299 -43.56 93.99 -20.46
CA LYS B 300 -40.96 95.51 -18.13
CA PHE B 301 -39.48 94.31 -14.88
CA LYS B 302 -38.44 96.00 -11.69
CA VAL B 303 -35.76 94.83 -9.29
CA VAL B 304 -37.64 94.02 -6.11
CA LYS B 305 -34.66 92.66 -4.22
CA GLU B 306 -31.05 93.16 -5.27
CA ILE B 307 -28.44 91.10 -7.06
CA ALA B 308 -26.61 89.44 -4.19
CA GLU B 309 -23.68 87.09 -4.60
CA THR B 310 -23.67 83.59 -3.04
CA GLN B 311 -20.61 81.92 -1.60
CA HIS B 312 -20.05 80.12 -4.88
CA GLY B 313 -19.86 82.90 -7.40
CA THR B 314 -23.51 82.73 -8.37
CA ILE B 315 -25.82 85.78 -8.10
CA VAL B 316 -29.45 85.84 -7.01
CA ILE B 317 -31.92 88.53 -8.10
CA ARG B 318 -35.62 89.04 -7.50
CA VAL B 319 -37.64 90.90 -10.02
CA GLN B 320 -41.27 91.78 -10.47
CA TYR B 321 -43.12 91.76 -13.77
CA GLU B 322 -45.27 94.72 -14.61
CA GLY B 323 -46.13 93.78 -18.16
CA ASP B 324 -49.46 92.37 -19.32
CA GLY B 325 -48.61 88.90 -20.67
CA SER B 326 -48.45 86.45 -17.70
CA PRO B 327 -47.99 83.49 -17.68
CA CYS B 328 -44.79 84.09 -19.62
CA LYS B 329 -41.04 83.31 -19.81
CA ILE B 330 -38.58 85.87 -18.48
CA PRO B 331 -36.07 87.21 -21.09
CA PHE B 332 -32.79 86.66 -19.27
CA GLU B 333 -29.27 86.94 -20.64
CA ILE B 334 -25.82 87.76 -19.32
CA MET B 335 -23.58 89.66 -21.74
CA ASP B 336 -20.06 91.01 -21.84
CA LEU B 337 -18.86 94.61 -22.06
CA GLU B 338 -19.02 95.21 -25.92
CA LYS B 339 -22.71 94.40 -25.62
CA ARG B 340 -22.76 91.27 -27.81
CA HIS B 341 -21.61 87.80 -26.73
CA VAL B 342 -23.51 85.84 -24.02
CA LEU B 343 -21.15 84.96 -21.13
CA GLY B 344 -23.27 83.38 -18.44
CA ARG B 345 -25.49 80.44 -17.67
CA LEU B 346 -28.69 80.30 -15.66
CA ILE B 347 -28.88 78.08 -12.62
CA THR B 348 -32.61 78.74 -12.19
CA VAL B 349 -33.40 77.56 -15.69
CA ASN B 350 -36.44 78.66 -17.67
CA PRO B 351 -37.47 81.62 -15.46
CA ILE B 352 -41.20 82.36 -15.79
CA VAL B 353 -43.68 84.89 -14.41
CA THR B 354 -46.73 83.19 -12.95
CA GLU B 355 -48.64 86.14 -11.48
CA LYS B 356 -48.31 89.89 -12.08
CA ASP B 357 -47.67 90.73 -8.44
CA SER B 358 -45.66 87.68 -7.33
CA PRO B 359 -41.89 88.29 -7.54
CA VAL B 360 -39.57 85.76 -9.15
CA ASN B 361 -36.14 84.73 -7.90
CA ILE B 362 -33.43 83.83 -10.41
CA GLU B 363 -29.99 82.44 -9.72
CA ALA B 364 -27.39 82.78 -12.41
CA GLU B 365 -23.71 82.15 -12.83
CA PRO B 366 -22.07 85.27 -14.29
CA PRO B 367 -18.56 85.10 -15.76
CA PHE B 368 -15.59 86.36 -13.78
CA GLY B 369 -15.18 90.10 -13.75
CA ASP B 370 -17.39 92.57 -15.60
CA SER B 371 -20.65 91.35 -17.04
CA TYR B 372 -24.21 92.43 -17.81
CA ILE B 373 -27.50 91.23 -16.47
CA ILE B 374 -30.16 92.07 -19.03
CA ILE B 375 -33.68 91.39 -17.84
CA GLY B 376 -36.61 91.68 -20.20
CA VAL B 377 -36.69 93.17 -23.66
CA GLU B 378 -36.67 96.80 -24.74
CA PRO B 379 -38.56 99.11 -23.98
CA GLY B 380 -37.33 99.58 -20.40
CA GLN B 381 -35.13 96.54 -20.50
CA LEU B 382 -33.10 96.19 -17.28
CA LYS B 383 -29.33 96.29 -17.83
CA LEU B 384 -27.59 95.61 -14.57
CA ASN B 385 -23.80 95.73 -14.32
CA TRP B 386 -22.02 93.12 -12.21
CA PHE B 387 -18.41 92.37 -11.29
CA LYS B 388 -17.28 88.98 -10.15
CA LYS B 389 -14.62 88.11 -7.61
CA GLY B 390 -11.40 87.37 -7.90
CA MET C 1 9.59 38.79 -32.52
CA ARG C 2 10.45 39.09 -28.84
CA CYS C 3 9.22 42.69 -28.51
CA ILE C 4 5.68 41.72 -29.30
CA GLY C 5 3.65 41.80 -26.10
CA ILE C 6 5.88 44.55 -24.09
CA SER C 7 4.54 47.66 -23.60
CA ASN C 8 7.61 49.83 -23.47
CA ARG C 9 8.74 49.02 -27.26
CA ASP C 10 9.69 51.29 -29.55
CA PHE C 11 9.31 51.30 -33.35
CA VAL C 12 12.24 52.60 -35.38
CA GLU C 13 12.32 52.63 -39.25
CA GLY C 14 15.83 52.52 -41.04
CA VAL C 15 16.71 54.48 -44.19
CA SER C 16 18.06 53.42 -47.59
CA SER C 17 22.14 51.51 -44.11
CA TRP C 18 22.05 53.34 -40.76
CA VAL C 19 19.65 53.40 -37.91
CA ASP C 20 19.62 54.87 -34.58
CA ILE C 21 18.21 53.13 -31.50
CA VAL C 22 18.16 53.43 -27.70
CA LEU C 23 18.05 50.46 -25.40
CA GLU C 24 17.39 50.20 -21.67
CA HIS C 25 16.42 47.36 -19.32
CA GLY C 26 12.71 46.74 -19.75
CA SER C 27 12.46 48.52 -23.09
CA CYS C 28 12.51 46.84 -26.49
CA VAL C 29 13.01 48.10 -30.00
CA THR C 30 11.74 46.90 -33.36
CA THR C 31 13.70 48.13 -36.36
CA MET C 32 12.59 48.33 -39.91
CA ALA C 33 14.56 49.13 -43.02
CA LYS C 34 12.97 48.14 -46.32
CA ASN C 35 14.36 45.31 -48.41
CA LYS C 36 15.72 44.46 -45.02
CA PRO C 37 14.55 42.14 -42.19
CA THR C 38 12.64 43.40 -39.21
CA LEU C 39 14.58 43.06 -36.00
CA ASP C 40 13.81 43.14 -32.32
CA PHE C 41 16.42 44.53 -29.95
CA GLU C 42 16.61 44.13 -26.22
CA LEU C 43 19.26 44.90 -23.58
CA ILE C 44 19.24 41.81 -21.46
CA LYS C 45 22.28 42.35 -19.13
CA THR C 46 24.90 44.82 -17.92
CA GLU C 47 28.04 43.34 -16.35
CA ALA C 48 30.74 45.03 -14.32
CA LYS C 49 34.02 43.26 -14.92
CA GLN C 50 35.82 41.72 -4.69
CA PRO C 51 35.58 45.55 -5.23
CA ALA C 52 36.70 48.01 -2.55
CA THR C 53 35.46 49.55 0.61
CA LEU C 54 35.51 53.34 0.45
CA ARG C 55 34.22 53.46 3.99
CA LYS C 56 32.30 51.47 6.61
CA TYR C 57 29.49 52.98 8.75
CA CYS C 58 28.27 51.79 12.14
CA ILE C 59 24.48 51.94 12.26
CA GLU C 60 23.89 50.32 15.63
CA ALA C 61 26.07 50.56 18.72
CA LYS C 62 26.56 49.36 22.29
CA LEU C 63 27.75 51.28 25.35
CA THR C 64 29.26 49.32 28.15
CA ASN C 65 32.00 49.14 30.75
CA THR C 66 31.25 52.65 32.03
CA THR C 67 33.90 54.11 34.22
CA THR C 68 34.27 57.52 35.77
CA ASP C 69 36.68 59.69 37.73
CA SER C 70 35.49 62.51 39.96
CA ARG C 71 37.66 64.94 41.88
CA CYS C 72 36.91 67.03 44.96
CA PRO C 73 36.27 70.81 44.67
CA THR C 74 39.95 71.32 45.36
CA GLN C 75 41.60 68.27 43.75
CA GLY C 76 41.52 69.82 40.27
CA GLU C 77 40.90 67.95 36.99
CA PRO C 78 39.56 64.39 36.41
CA THR C 79 41.54 61.74 34.54
CA LEU C 80 40.79 58.30 33.17
CA ASN C 81 43.19 56.16 31.29
CA GLU C 82 40.13 55.23 29.25
CA GLU C 83 40.53 58.73 27.79
CA GLN C 84 43.31 57.25 25.67
CA ASP C 85 41.61 54.00 24.75
CA LYS C 86 40.18 54.98 21.41
CA ARG C 87 37.38 52.48 21.95
CA PHE C 88 36.01 54.68 24.69
CA VAL C 89 33.93 57.79 24.31
CA CYS C 90 34.32 60.47 27.02
CA LYS C 91 33.00 63.78 28.31
CA HIS C 92 33.88 66.18 31.17
CA SER C 93 31.29 67.73 33.45
CA MET C 94 31.06 69.17 36.98
CA VAL C 95 29.05 67.87 39.96
CA ASP C 96 28.34 69.09 43.46
CA ARG C 97 30.72 67.76 46.07
CA GLY C 98 30.91 68.00 49.88
CA TRP C 99 31.21 66.15 53.17
CA GLY C 100 28.17 64.08 52.14
CA ASN C 101 29.98 62.40 49.29
CA GLY C 102 33.65 62.38 50.27
CA CYS C 103 35.15 65.85 50.24
CA GLY C 104 36.26 68.18 53.02
CA LEU C 105 35.32 71.10 50.84
CA PHE C 106 32.06 72.12 49.26
CA GLY C 107 31.70 73.05 45.60
CA LYS C 108 31.83 71.76 42.07
CA GLY C 109 34.28 68.94 41.64
CA GLY C 110 35.08 67.85 38.14
CA ILE C 111 34.16 64.53 36.59
CA VAL C 112 34.86 62.65 33.42
CA THR C 113 32.76 59.71 32.34
CA CYS C 114 33.85 57.25 29.65
CA ALA C 115 32.23 54.16 28.13
CA MET C 116 33.42 51.62 25.60
CA PHE C 117 31.66 51.94 22.26
CA THR C 118 30.94 48.75 20.35
CA CYS C 119 29.43 48.47 16.90
CA LYS C 120 26.57 45.92 16.68
CA LYS C 121 25.54 46.27 13.03
CA ASN C 122 27.04 48.04 9.97
CA MET C 123 26.82 48.99 6.29
CA GLU C 124 29.66 49.39 3.77
CA GLY C 125 30.20 51.68 0.83
CA LYS C 126 31.94 50.15 -2.17
CA ILE C 127 33.58 51.53 -5.26
CA VAL C 128 32.28 49.95 -8.41
CA GLN C 129 33.95 49.59 -11.86
CA PRO C 130 31.85 48.27 -14.76
CA GLU C 131 32.75 52.70 -20.72
CA ASN C 132 34.21 49.63 -19.04
CA LEU C 133 30.83 47.85 -18.40
CA GLU C 134 29.88 45.02 -20.70
CA TYR C 135 26.46 44.91 -22.23
CA THR C 136 24.54 41.96 -23.52
CA VAL C 137 21.91 42.52 -26.23
CA VAL C 138 19.55 40.11 -27.90
CA ILE C 139 18.61 40.50 -31.53
CA THR C 140 15.55 38.53 -32.63
CA PRO C 141 14.65 38.80 -36.34
CA HIS C 142 10.95 38.70 -37.31
CA SER C 143 11.22 35.28 -38.91
CA GLY C 144 7.58 34.47 -38.12
CA GLU C 145 8.48 31.14 -36.47
CA GLU C 146 5.52 29.35 -34.81
CA HIS C 147 6.92 30.15 -31.38
CA ALA C 148 8.85 33.40 -32.03
CA VAL C 149 6.24 35.91 -30.72
CA GLY C 150 7.45 37.47 -27.47
CA ASN C 151 9.48 34.39 -26.64
CA ASP C 152 11.50 35.37 -23.56
CA THR C 153 14.01 32.56 -23.80
CA GLY C 154 16.69 33.71 -26.17
CA LYS C 155 16.84 30.78 -28.52
CA HIS C 156 15.16 32.74 -31.29
CA GLY C 157 17.87 35.32 -31.08
CA LYS C 158 21.56 36.04 -31.05
CA GLU C 159 23.11 37.37 -27.91
CA VAL C 160 25.67 40.06 -28.47
CA LYS C 161 28.12 41.54 -25.98
CA ILE C 162 29.01 45.14 -26.55
CA THR C 163 32.28 45.84 -24.97
CA PRO C 164 32.57 49.57 -24.40
CA GLN C 165 36.06 48.56 -24.38
CA SER C 166 37.03 46.39 -26.79
CA SER C 167 34.74 47.98 -29.34
CA ILE C 168 32.25 47.78 -32.16
CA THR C 169 30.41 44.45 -32.24
CA GLU C 170 29.45 42.56 -35.42
CA ALA C 171 26.64 40.00 -35.72
CA GLU C 172 25.84 36.80 -37.52
CA LEU C 173 22.12 36.70 -38.23
CA THR C 174 21.91 33.20 -39.64
CA GLY C 175 20.22 33.04 -43.01
CA TYR C 176 19.94 36.83 -42.93
CA GLY C 177 23.55 37.91 -43.06
CA THR C 178 25.36 40.25 -40.77
CA VAL C 179 24.57 43.41 -38.88
CA THR C 180 26.79 45.83 -36.95
CA MET C 181 26.59 47.79 -33.71
CA GLU C 182 28.26 50.83 -32.17
CA CYS C 183 26.76 52.00 -28.90
CA SER C 184 27.34 54.74 -26.38
CA PRO C 185 26.65 54.26 -22.66
CA ARG C 186 24.32 57.09 -21.81
CA THR C 187 22.68 58.27 -18.57
CA GLY C 188 21.73 61.32 -16.62
CA LEU C 189 24.58 57.54 -14.00
CA ASP C 190 28.25 58.41 -13.74
CA PHE C 191 29.75 55.60 -11.72
CA ASN C 192 32.86 57.20 -10.35
CA GLU C 193 30.71 59.66 -8.49
CA MET C 194 28.43 56.96 -7.17
CA VAL C 195 28.86 54.29 -4.54
CA LEU C 196 27.42 50.85 -3.91
CA LEU C 197 25.99 51.00 -0.38
CA GLN C 198 25.26 47.60 1.19
CA MET C 199 23.05 46.99 4.20
CA LYS C 200 22.76 43.28 4.56
CA ASP C 201 20.75 41.93 1.66
CA LYS C 202 19.83 45.36 0.32
CA ALA C 203 22.05 47.80 -1.60
CA TRP C 204 21.66 51.03 -3.55
CA LEU C 205 23.94 53.18 -5.69
CA VAL C 206 24.52 56.53 -4.03
CA HIS C 207 26.70 59.60 -4.61
CA ARG C 208 30.11 60.03 -3.05
CA GLN C 209 29.67 63.21 -0.95
CA TRP C 210 26.27 62.16 0.24
CA PHE C 211 27.78 58.89 1.41
CA LEU C 212 30.75 60.58 3.03
CA ASP C 213 28.62 63.23 4.68
CA LEU C 214 26.80 60.50 6.53
CA PRO C 215 26.56 61.53 10.23
CA LEU C 216 27.62 58.18 11.59
CA PRO C 217 30.57 56.40 13.16
CA TRP C 218 32.95 54.96 10.59
CA LEU C 219 36.04 52.97 9.78
CA PRO C 220 38.38 53.72 6.84
CA GLY C 221 37.87 51.65 3.70
CA ALA C 222 41.43 50.62 4.51
CA GLY C 223 38.03 47.58 13.92
CA SER C 224 40.69 50.22 14.21
CA ASN C 225 38.67 52.54 16.34
CA TRP C 226 35.54 53.98 14.90
CA ILE C 227 35.62 57.63 14.00
CA GLN C 228 32.99 60.11 15.12
CA LYS C 229 31.36 57.85 17.71
CA GLU C 230 29.72 60.83 19.40
CA THR C 231 27.28 60.94 16.54
CA LEU C 232 25.66 57.99 18.34
CA VAL C 233 26.55 58.81 21.93
CA THR C 234 25.00 61.26 24.38
CA PHE C 235 26.00 62.55 27.81
CA LYS C 236 23.68 63.98 30.44
CA ASN C 237 24.14 65.74 33.79
CA PRO C 238 20.79 67.43 34.59
CA HIS C 239 21.19 68.14 38.31
CA ALA C 240 24.96 68.23 38.80
CA LYS C 241 24.76 64.87 40.59
CA LYS C 242 26.25 62.40 38.18
CA GLN C 243 26.72 62.10 34.46
CA ASP C 244 25.15 59.39 32.36
CA VAL C 245 25.94 58.30 28.81
CA VAL C 246 23.67 56.60 26.32
CA VAL C 247 23.67 55.43 22.72
CA LEU C 248 21.06 56.38 20.11
CA GLY C 249 19.73 53.15 18.73
CA SER C 250 19.67 51.63 15.30
CA GLN C 251 19.78 54.10 12.47
CA GLU C 252 18.81 51.25 10.15
CA GLY C 253 15.26 52.43 9.56
CA ALA C 254 16.59 55.96 9.47
CA MET C 255 18.97 55.07 6.62
CA HIS C 256 16.30 53.34 4.52
CA THR C 257 14.22 56.48 4.78
CA ALA C 258 17.13 58.49 3.43
CA LEU C 259 17.56 55.97 0.66
CA THR C 260 13.95 56.43 -0.40
CA GLY C 261 13.70 54.40 -3.55
CA ALA C 262 17.06 55.74 -4.76
CA THR C 263 18.90 53.64 -7.24
CA GLU C 264 18.27 50.34 -5.48
CA ILE C 265 20.16 47.26 -6.67
CA GLN C 266 19.70 45.03 -3.75
CA MET C 267 19.23 41.49 -4.56
CA SER C 268 18.44 39.11 -7.21
CA SER C 269 19.23 35.99 -5.21
CA GLY C 270 22.05 37.46 -3.10
CA ASN C 271 22.85 40.79 -11.97
CA LEU C 272 22.74 44.52 -12.61
CA LEU C 273 19.80 46.64 -13.66
CA PHE C 274 21.64 49.35 -15.63
CA THR C 275 20.34 52.82 -14.70
CA GLY C 276 19.91 54.69 -17.93
CA HIS C 277 20.29 54.28 -21.66
CA LEU C 278 22.56 52.87 -24.32
CA LYS C 279 22.43 54.77 -27.61
CA CYS C 280 23.40 52.68 -30.58
CA ARG C 281 23.89 52.91 -34.32
CA LEU C 282 23.12 49.92 -36.55
CA ARG C 283 24.31 49.31 -40.10
CA MET C 284 22.35 46.73 -42.13
CA ASP C 285 23.99 46.93 -45.57
CA LYS C 286 25.40 43.46 -45.03
CA LEU C 287 21.95 42.10 -44.22
CA GLN C 288 19.31 40.74 -46.57
CA LEU C 289 15.72 39.55 -46.61
CA SER C 293 3.18 20.13 -49.07
CA TYR C 294 1.97 20.67 -52.70
CA SER C 295 -1.46 19.91 -54.14
CA MET C 296 -4.44 20.72 -51.83
CA CYS C 297 -6.59 18.02 -50.19
CA THR C 298 -9.22 16.03 -52.09
CA GLY C 299 -11.15 14.37 -49.27
CA LYS C 300 -14.07 15.66 -47.22
CA PHE C 301 -13.64 17.86 -44.20
CA LYS C 302 -15.27 17.80 -40.82
CA VAL C 303 -15.09 20.18 -37.87
CA VAL C 304 -14.62 18.25 -34.63
CA LYS C 305 -15.13 20.98 -32.07
CA GLU C 306 -15.59 24.53 -30.94
CA ILE C 307 -14.98 27.51 -33.19
CA ALA C 308 -13.57 29.49 -30.32
CA GLU C 309 -13.73 33.28 -30.29
CA THR C 310 -10.21 34.20 -29.22
CA GLN C 311 -10.25 37.68 -27.64
CA HIS C 312 -7.16 38.67 -29.51
CA GLY C 313 -9.51 38.77 -32.56
CA THR C 314 -9.64 35.27 -34.18
CA ILE C 315 -11.79 32.17 -34.77
CA VAL C 316 -9.84 28.98 -34.13
CA ILE C 317 -11.56 26.23 -36.10
CA ARG C 318 -10.39 22.69 -35.32
CA VAL C 319 -10.96 20.02 -37.94
CA GLN C 320 -10.29 16.37 -38.65
CA TYR C 321 -9.78 15.09 -42.20
CA GLU C 322 -11.41 11.98 -43.73
CA GLY C 323 -9.82 11.67 -47.12
CA ASP C 324 -7.73 10.38 -50.02
CA GLY C 325 -4.40 12.17 -49.57
CA SER C 326 -3.30 12.28 -45.94
CA PRO C 327 -0.33 14.71 -46.10
CA CYS C 328 -2.09 17.39 -48.22
CA LYS C 329 -2.66 21.08 -47.70
CA ILE C 330 -5.93 22.29 -46.21
CA PRO C 331 -8.39 23.90 -48.64
CA PHE C 332 -9.35 26.90 -46.47
CA GLU C 333 -10.96 29.58 -48.55
CA ILE C 334 -13.19 32.16 -46.70
CA MET C 335 -15.46 34.40 -48.79
CA ASP C 336 -18.10 37.17 -48.59
CA LEU C 337 -21.90 36.85 -48.72
CA GLU C 338 -21.78 37.07 -52.52
CA LYS C 339 -18.66 35.48 -53.92
CA ARG C 340 -16.41 38.25 -55.16
CA HIS C 341 -14.21 35.45 -53.82
CA VAL C 342 -12.25 36.64 -50.73
CA LEU C 343 -12.80 38.16 -47.33
CA GLY C 344 -10.69 37.19 -44.33
CA ARG C 345 -7.14 36.59 -43.09
CA LEU C 346 -5.29 33.33 -42.43
CA ILE C 347 -3.20 33.52 -39.24
CA THR C 348 -2.12 30.01 -38.34
CA VAL C 349 1.49 29.08 -39.59
CA ASN C 350 0.54 28.23 -43.14
CA PRO C 351 -0.62 24.58 -41.92
CA ILE C 352 -1.23 21.16 -43.77
CA VAL C 353 -3.11 17.86 -42.94
CA THR C 354 -0.41 15.33 -42.12
CA GLU C 355 -2.77 12.93 -40.40
CA LYS C 356 -6.19 11.36 -39.79
CA ASP C 357 -4.59 10.62 -36.44
CA SER C 358 -4.30 14.36 -35.86
CA PRO C 359 -7.01 17.07 -36.11
CA VAL C 360 -5.72 20.10 -38.04
CA ASN C 361 -6.13 23.31 -36.10
CA ILE C 362 -6.85 26.63 -37.80
CA GLU C 363 -6.82 30.34 -36.90
CA ALA C 364 -8.26 33.09 -39.03
CA GLU C 365 -8.62 36.84 -38.65
CA PRO C 366 -12.22 37.22 -39.64
CA PRO C 367 -13.81 40.60 -40.41
CA PHE C 368 -16.07 42.02 -37.68
CA GLY C 369 -19.22 41.25 -39.76
CA ASP C 370 -21.50 38.78 -41.64
CA SER C 371 -19.37 36.27 -43.60
CA TYR C 372 -18.96 32.74 -45.03
CA ILE C 373 -16.18 30.27 -44.25
CA ILE C 374 -15.15 27.34 -46.41
CA ILE C 375 -13.06 24.20 -46.12
CA GLY C 376 -12.63 21.49 -48.78
CA VAL C 377 -13.10 20.61 -52.50
CA GLU C 378 -16.53 20.87 -54.15
CA PRO C 379 -18.05 17.56 -53.00
CA GLY C 380 -18.70 17.45 -49.25
CA GLN C 381 -17.37 20.96 -48.67
CA LEU C 382 -17.47 22.72 -45.30
CA LYS C 383 -19.47 25.87 -45.73
CA LEU C 384 -19.71 27.59 -42.36
CA ASN C 385 -21.74 30.79 -42.01
CA TRP C 386 -19.78 32.70 -39.44
CA PHE C 387 -21.92 35.66 -40.40
CA LYS C 388 -21.98 37.13 -36.90
CA LYS C 389 -19.82 39.76 -35.28
CA GLU D 1 14.48 -50.27 20.98
CA VAL D 2 13.95 -52.94 18.32
CA GLN D 3 11.50 -53.90 15.52
CA LEU D 4 10.80 -54.12 11.77
CA GLN D 5 8.44 -52.01 9.68
CA GLN D 6 7.31 -53.37 6.32
CA SER D 7 5.85 -50.88 3.89
CA GLY D 8 2.27 -50.06 3.05
CA ALA D 9 -0.18 -52.52 1.58
CA GLU D 10 -0.63 -52.33 -2.17
CA LEU D 11 -2.99 -53.65 -4.85
CA VAL D 12 -1.40 -54.83 -8.06
CA LYS D 13 -2.79 -55.80 -11.43
CA PRO D 14 -1.96 -59.30 -12.58
CA GLY D 15 1.30 -59.49 -14.49
CA ALA D 16 3.18 -56.73 -12.70
CA SER D 17 5.79 -56.47 -9.93
CA VAL D 18 5.70 -55.15 -6.40
CA LYS D 19 8.62 -53.93 -4.31
CA LEU D 20 7.98 -54.67 -0.68
CA SER D 21 10.38 -53.47 2.03
CA CYS D 22 11.26 -54.05 5.71
CA THR D 23 12.99 -51.45 7.89
CA ALA D 24 15.07 -51.27 11.09
CA SER D 25 14.54 -49.72 14.48
CA GLY D 26 17.54 -50.37 16.71
CA PHE D 27 19.90 -52.79 15.01
CA ASN D 28 21.92 -52.81 11.80
CA ILE D 29 20.60 -54.92 8.96
CA LYS D 30 23.93 -56.74 8.46
CA ASP D 31 23.49 -57.92 12.00
CA THR D 32 21.67 -61.13 11.11
CA TYR D 33 19.56 -62.96 8.56
CA MET D 34 16.31 -61.50 7.38
CA HIS D 35 13.46 -63.22 5.66
CA TRP D 36 10.14 -63.10 3.93
CA VAL D 37 7.38 -65.44 4.99
CA LYS D 38 4.14 -65.57 3.02
CA GLN D 39 0.63 -66.24 4.41
CA ARG D 40 -2.71 -66.47 2.60
CA PRO D 41 -6.45 -66.78 3.59
CA GLU D 42 -5.93 -69.53 6.16
CA GLN D 43 -2.92 -71.28 4.67
CA GLY D 44 -0.51 -70.56 7.49
CA LEU D 45 2.93 -69.09 6.91
CA GLU D 46 5.35 -70.22 4.20
CA TRP D 47 9.05 -69.32 4.53
CA ILE D 48 10.13 -67.80 1.20
CA GLY D 49 13.78 -66.91 1.73
CA ARG D 50 16.63 -65.47 3.78
CA ILE D 51 19.25 -62.96 2.67
CA ASP D 52 22.48 -61.66 4.16
CA PRO D 53 23.20 -57.89 4.10
CA ALA D 54 26.73 -58.94 4.99
CA ASN D 55 27.63 -61.37 2.21
CA GLY D 56 24.63 -60.38 0.13
CA TYR D 57 23.73 -64.04 -0.37
CA SER D 58 20.09 -65.30 -0.42
CA LYS D 59 18.60 -68.82 -0.64
CA TYR D 60 14.95 -69.58 -1.34
CA ASP D 61 12.50 -72.43 -1.22
CA PRO D 62 12.83 -73.69 -4.85
CA LYS D 63 9.11 -73.37 -5.57
CA PHE D 64 9.52 -69.63 -4.84
CA GLN D 65 12.78 -69.16 -6.73
CA GLY D 66 10.94 -67.81 -9.73
CA LYS D 67 8.77 -65.17 -8.06
CA ALA D 68 10.63 -63.40 -5.28
CA THR D 69 14.13 -61.95 -5.03
CA ILE D 70 15.18 -60.69 -1.61
CA THR D 71 17.31 -57.59 -1.32
CA ALA D 72 18.85 -55.17 1.14
CA ASP D 73 20.45 -51.77 1.44
CA THR D 74 22.71 -50.69 4.26
CA SER D 75 22.53 -47.04 3.22
CA SER D 76 18.89 -47.43 4.18
CA ASN D 77 18.50 -50.08 6.89
CA ALA D 78 16.12 -52.13 4.81
CA ALA D 79 15.67 -55.49 3.11
CA TYR D 80 13.17 -55.44 0.22
CA LEU D 81 11.23 -58.03 -1.78
CA GLN D 82 10.67 -57.95 -5.51
CA LEU D 83 7.71 -60.25 -6.33
CA SER D 84 6.93 -60.30 -10.02
CA SER D 85 4.95 -61.64 -12.99
CA LEU D 86 2.25 -62.23 -10.36
CA THR D 87 -0.98 -64.23 -10.70
CA SER D 88 -4.54 -63.69 -9.57
CA GLU D 89 -4.03 -65.49 -6.30
CA ASP D 90 -0.33 -64.62 -5.71
CA THR D 91 -2.15 -62.75 -2.94
CA ALA D 92 -1.09 -62.72 0.67
CA VAL D 93 0.36 -60.88 3.57
CA TYR D 94 4.04 -61.09 2.92
CA PHE D 95 5.88 -60.80 6.28
CA CYS D 96 9.63 -60.25 7.11
CA ALA D 97 11.52 -61.52 10.18
CA ARG D 98 14.96 -61.53 11.87
CA ASP D 99 16.79 -64.49 13.52
CA TYR D 100 18.45 -67.81 12.67
CA GLU D 101 17.19 -69.61 15.77
CA GLY D 102 13.48 -68.94 15.85
CA PHE D 103 12.34 -65.61 14.48
CA ALA D 104 12.01 -62.98 17.21
CA TYR D 105 10.92 -59.62 15.74
CA TRP D 106 8.52 -59.70 12.80
CA GLY D 107 7.08 -56.71 11.01
CA GLN D 108 3.47 -55.55 10.53
CA GLY D 109 2.50 -57.98 7.77
CA THR D 110 2.03 -56.27 4.39
CA LEU D 111 -0.97 -57.54 2.46
CA VAL D 112 -0.72 -57.65 -1.32
CA THR D 113 -3.74 -58.31 -3.53
CA VAL D 114 -3.50 -59.17 -7.19
CA SER D 115 -6.57 -57.74 -8.86
CA SER D 116 -7.97 -56.12 -11.99
CA ALA D 117 -10.53 -53.84 -10.36
CA LYS D 118 -9.11 -50.68 -8.77
CA THR D 119 -8.89 -49.54 -5.16
CA THR D 120 -11.86 -47.77 -3.58
CA PRO D 121 -11.60 -45.85 -0.31
CA PRO D 122 -14.13 -46.74 2.42
CA SER D 123 -17.22 -44.84 3.73
CA VAL D 124 -16.74 -44.70 7.48
CA TYR D 125 -19.82 -43.40 9.29
CA PRO D 126 -19.69 -43.03 13.05
CA LEU D 127 -22.39 -44.85 15.00
CA ALA D 128 -23.71 -43.25 18.24
CA PRO D 129 -25.79 -45.25 20.82
CA GLY D 130 -29.43 -44.75 21.75
CA ALA D 131 -30.87 -44.93 25.28
CA ALA D 132 -28.22 -47.47 26.38
CA ALA D 133 -26.83 -45.93 29.55
CA ALA D 134 -27.33 -49.14 31.57
CA THR D 135 -24.21 -51.31 31.43
CA SER D 136 -23.11 -53.37 34.43
CA SER D 137 -19.53 -52.25 33.75
CA SER D 138 -18.97 -50.61 30.35
CA VAL D 139 -20.74 -48.20 28.00
CA THR D 140 -20.50 -49.42 24.41
CA LEU D 141 -20.57 -47.66 21.03
CA GLY D 142 -19.05 -47.92 17.54
CA CYS D 143 -18.45 -46.89 13.90
CA LEU D 144 -18.96 -48.56 10.48
CA VAL D 145 -16.60 -48.77 7.47
CA LYS D 146 -18.25 -49.85 4.20
CA GLY D 147 -17.15 -50.45 0.59
CA TYR D 148 -13.39 -50.80 0.04
CA PHE D 149 -11.33 -53.11 -2.12
CA PRO D 150 -7.98 -54.34 -0.89
CA GLU D 151 -9.18 -55.65 2.46
CA PRO D 152 -6.55 -54.03 4.62
CA VAL D 153 -8.04 -51.42 6.96
CA THR D 154 -6.35 -50.76 10.28
CA LEU D 155 -8.94 -49.51 12.72
CA THR D 156 -7.87 -47.41 15.69
CA TRP D 157 -9.72 -45.79 18.60
CA ASN D 158 -8.53 -42.37 19.91
CA SER D 159 -5.28 -43.18 18.13
CA GLY D 160 -5.43 -45.80 20.90
CA SER D 161 -5.14 -44.55 24.47
CA LEU D 162 -7.46 -46.25 26.97
CA SER D 163 -9.10 -49.47 28.03
CA SER D 164 -9.15 -49.81 24.31
CA GLY D 165 -11.01 -52.95 24.95
CA VAL D 166 -12.35 -52.64 21.46
CA HIS D 167 -13.62 -55.46 19.21
CA THR D 168 -12.83 -55.30 15.50
CA PHE D 169 -15.06 -57.32 13.21
CA PRO D 170 -13.83 -59.27 10.13
CA ALA D 171 -14.63 -58.10 6.67
CA VAL D 172 -17.42 -59.38 4.48
CA LEU D 173 -17.87 -59.23 0.72
CA GLN D 174 -21.25 -58.61 -0.67
CA SER D 175 -20.29 -57.62 -4.19
CA ASP D 176 -16.74 -56.41 -4.74
CA LEU D 177 -16.45 -53.60 -2.33
CA TYR D 178 -15.66 -54.94 1.18
CA THR D 179 -17.26 -53.95 4.48
CA LEU D 180 -16.18 -53.73 8.11
CA SER D 181 -17.49 -52.78 11.54
CA SER D 182 -15.88 -51.28 14.62
CA SER D 183 -16.77 -51.45 18.32
CA VAL D 184 -15.49 -49.57 21.36
CA THR D 185 -16.89 -50.03 24.88
CA VAL D 186 -15.36 -47.04 26.66
CA THR D 187 -15.92 -46.36 30.35
CA SER D 188 -19.35 -45.14 31.45
CA SER D 189 -18.14 -41.97 33.21
CA THR D 190 -16.16 -41.54 29.97
CA TRP D 191 -18.32 -40.49 27.06
CA PRO D 192 -20.28 -37.25 26.32
CA SER D 193 -17.61 -34.89 27.79
CA GLN D 194 -14.27 -36.35 26.76
CA THR D 195 -14.03 -36.67 22.99
CA ILE D 196 -14.06 -40.03 21.16
CA THR D 197 -12.93 -40.92 17.64
CA CYS D 198 -12.79 -43.69 15.01
CA ASN D 199 -9.50 -43.75 13.07
CA VAL D 200 -9.65 -45.80 9.84
CA ALA D 201 -6.78 -46.50 7.44
CA HIS D 202 -7.00 -47.81 3.89
CA PRO D 203 -3.33 -48.60 3.09
CA ALA D 204 -3.87 -49.61 -0.52
CA SER D 205 -5.17 -46.17 -1.45
CA SER D 206 -3.15 -44.04 0.97
CA THR D 207 -6.28 -42.97 2.83
CA LYS D 208 -6.49 -42.36 6.53
CA VAL D 209 -9.85 -41.26 7.92
CA ASP D 210 -10.76 -39.92 11.33
CA LYS D 211 -14.39 -39.83 12.45
CA LYS D 212 -16.91 -38.03 14.59
CA ILE D 213 -18.89 -40.31 16.91
CA GLU D 214 -21.08 -37.53 18.27
CA PRO D 215 -23.59 -37.98 21.21
CA ARG D 216 -27.20 -38.48 20.20
CA ASP E 1 11.95 -81.39 0.52
CA ILE E 2 11.43 -81.48 4.29
CA VAL E 3 8.08 -82.11 6.01
CA LEU E 4 6.40 -81.25 9.30
CA THR E 5 3.50 -82.92 11.10
CA GLN E 6 1.86 -80.62 13.61
CA SER E 7 -0.91 -82.88 14.73
CA PRO E 8 -3.60 -81.83 17.02
CA ALA E 9 -5.63 -80.39 14.14
CA SER E 10 -7.58 -78.07 16.42
CA LEU E 11 -8.27 -78.66 20.09
CA ALA E 12 -10.29 -77.11 22.84
CA VAL E 13 -8.51 -76.86 26.17
CA SER E 14 -9.83 -76.09 29.65
CA LEU E 15 -8.65 -72.84 31.23
CA GLY E 16 -6.36 -74.52 33.70
CA GLN E 17 -4.61 -77.58 32.25
CA ARG E 18 -1.89 -79.00 30.04
CA ALA E 19 -2.11 -77.93 26.42
CA THR E 20 -0.13 -80.48 24.41
CA ILE E 21 0.87 -79.91 20.79
CA SER E 22 3.25 -81.89 18.57
CA CYS E 23 5.27 -81.48 15.37
CA ARG E 24 6.99 -84.38 13.51
CA ALA E 25 9.62 -83.54 10.91
CA SER E 26 10.58 -86.12 8.28
CA GLU E 27 14.33 -85.63 8.01
CA SER E 28 16.61 -84.67 10.89
CA VAL E 29 17.05 -81.22 12.44
CA VAL E 30 20.01 -81.91 14.73
CA ARG E 31 22.57 -79.40 13.49
CA TYR E 32 25.39 -78.36 15.87
CA GLY E 33 24.55 -81.38 17.99
CA ASN E 34 21.56 -79.21 18.99
CA SER E 35 18.21 -79.89 17.30
CA PHE E 36 16.86 -76.75 15.57
CA MET E 37 13.07 -76.95 16.15
CA HIS E 38 11.28 -73.67 16.96
CA TRP E 39 7.68 -72.78 17.85
CA TYR E 40 5.37 -69.80 17.19
CA GLN E 41 2.15 -68.33 18.50
CA GLN E 42 0.20 -66.26 15.96
CA LYS E 43 -3.05 -64.59 16.95
CA PRO E 44 -5.77 -62.90 14.83
CA GLY E 45 -4.40 -60.19 12.58
CA GLN E 46 -0.92 -60.22 14.11
CA PRO E 47 2.51 -61.64 13.14
CA PRO E 48 3.74 -64.96 14.64
CA LYS E 49 5.46 -65.04 18.05
CA LEU E 50 8.49 -67.17 18.92
CA LEU E 51 7.93 -69.41 21.98
CA ILE E 52 10.79 -71.92 22.04
CA TYR E 53 13.91 -71.46 19.87
CA ARG E 54 16.07 -74.59 20.22
CA ALA E 55 13.53 -77.30 21.10
CA SER E 56 13.47 -76.52 24.85
CA SER E 57 14.82 -73.06 25.69
CA LEU E 58 12.25 -70.42 26.66
CA GLU E 59 12.22 -66.99 25.08
CA SER E 60 13.32 -63.51 26.10
CA GLY E 61 10.24 -62.82 28.15
CA ILE E 62 7.50 -65.39 27.76
CA PRO E 63 5.34 -66.86 30.63
CA THR E 64 6.78 -70.04 32.10
CA ARG E 65 4.67 -73.01 31.06
CA PHE E 66 5.55 -72.89 27.41
CA SER E 67 8.39 -75.38 26.95
CA GLY E 68 10.01 -77.66 24.47
CA SER E 69 10.32 -81.43 24.36
CA GLY E 70 12.07 -83.22 21.43
CA SER E 71 14.66 -85.33 19.50
CA ARG E 72 16.71 -85.19 16.28
CA THR E 73 13.45 -85.05 14.28
CA ASP E 74 10.36 -85.38 16.58
CA PHE E 75 8.96 -82.72 18.93
CA THR E 76 6.14 -81.26 21.09
CA LEU E 77 5.04 -77.94 22.67
CA THR E 78 3.36 -77.63 26.07
CA ILE E 79 1.35 -75.16 28.10
CA ASN E 80 0.00 -76.34 31.44
CA PRO E 81 -1.61 -73.26 32.96
CA VAL E 82 -3.72 -72.85 29.83
CA GLU E 83 -5.18 -69.40 30.38
CA ALA E 84 -7.53 -66.94 28.71
CA ASP E 85 -4.50 -65.45 26.99
CA ASP E 86 -3.32 -68.33 24.81
CA VAL E 87 -5.79 -68.32 21.89
CA ALA E 88 -3.75 -68.90 18.79
CA THR E 89 -2.63 -71.21 16.07
CA TYR E 90 0.75 -72.50 17.06
CA TYR E 91 3.56 -72.96 14.59
CA CYS E 92 6.56 -75.16 14.13
CA GLN E 93 9.60 -74.29 12.05
CA GLN E 94 12.97 -75.72 11.04
CA THR E 95 16.21 -73.80 10.51
CA ASN E 96 18.77 -76.53 9.82
CA VAL E 97 18.35 -77.62 6.16
CA ASP E 98 17.32 -74.70 3.90
CA PRO E 99 13.78 -75.45 3.44
CA TRP E 100 13.50 -73.59 6.77
CA ALA E 101 9.74 -74.00 6.47
CA PHE E 102 7.03 -74.34 9.12
CA GLY E 103 4.35 -76.92 9.63
CA GLY E 104 0.64 -76.47 9.28
CA GLY E 105 -0.23 -75.30 12.75
CA THR E 106 -2.76 -76.01 15.50
CA LYS E 107 -5.66 -73.77 16.54
CA LEU E 108 -5.90 -73.79 20.31
CA GLU E 109 -9.37 -73.06 21.60
CA ILE E 110 -9.79 -72.26 25.28
CA LYS E 111 -13.08 -72.89 27.03
CA ARG E 112 -14.77 -70.36 29.17
CA ALA E 113 -17.62 -69.92 31.61
CA ASP E 114 -20.79 -69.75 29.56
CA ALA E 115 -21.71 -66.38 28.01
CA ALA E 116 -24.10 -63.66 29.14
CA PRO E 117 -24.24 -61.60 25.86
CA THR E 118 -24.04 -57.80 25.88
CA VAL E 119 -26.27 -56.30 23.15
CA SER E 120 -25.47 -53.04 21.42
CA ILE E 121 -28.07 -51.70 18.96
CA PHE E 122 -27.13 -48.83 16.62
CA PRO E 123 -29.40 -46.62 14.42
CA PRO E 124 -28.32 -44.94 11.11
CA SER E 125 -26.19 -41.77 11.08
CA SER E 126 -27.85 -38.31 11.10
CA GLU E 127 -25.79 -37.67 7.97
CA GLN E 128 -24.70 -39.70 4.95
CA LEU E 129 -28.10 -41.28 5.47
CA THR E 130 -28.17 -38.31 3.15
CA SER E 131 -27.09 -40.97 0.70
CA GLY E 132 -27.96 -44.60 0.18
CA GLY E 133 -29.96 -46.12 2.95
CA ALA E 134 -30.19 -47.69 6.37
CA SER E 135 -27.33 -48.40 8.71
CA VAL E 136 -28.78 -50.78 11.24
CA VAL E 137 -25.96 -52.14 13.39
CA CYS E 138 -26.15 -54.42 16.41
CA PHE E 139 -22.79 -55.95 17.32
CA LEU E 140 -23.57 -58.35 20.20
CA ASN E 141 -20.55 -58.27 22.53
CA ASN E 142 -18.76 -60.79 24.77
CA PHE E 143 -20.23 -64.30 24.80
CA TYR E 144 -18.57 -67.75 25.04
CA PRO E 145 -20.28 -70.38 22.89
CA LYS E 146 -18.89 -69.51 19.46
CA ASP E 147 -22.35 -69.23 17.99
CA ILE E 148 -25.75 -67.61 18.62
CA ASN E 149 -27.98 -66.53 15.80
CA VAL E 150 -30.17 -63.50 15.39
CA LYS E 151 -33.21 -62.08 13.67
CA TRP E 152 -33.82 -58.55 12.67
CA LYS E 153 -37.56 -57.95 13.44
CA ILE E 154 -38.14 -54.91 11.22
CA ASP E 155 -41.19 -53.03 12.59
CA ARG E 156 -35.01 -59.72 6.88
CA GLN E 157 -32.83 -61.60 4.38
CA ASN E 158 -31.95 -59.21 1.54
CA GLY E 159 -30.01 -56.84 3.77
CA VAL E 160 -28.23 -58.73 6.52
CA LEU E 161 -24.52 -59.32 7.00
CA ASN E 162 -23.00 -60.99 10.04
CA SER E 163 -19.34 -60.97 10.98
CA TRP E 164 -17.08 -62.93 13.31
CA THR E 165 -15.16 -62.04 16.30
CA ASP E 166 -12.28 -64.15 17.28
CA GLN E 167 -11.67 -65.32 20.84
CA ASP E 168 -10.26 -62.36 22.76
CA SER E 169 -11.16 -58.65 23.31
CA THR E 170 -15.15 -64.46 24.73
CA TYR E 171 -16.60 -63.89 21.28
CA SER E 172 -18.90 -61.22 19.94
CA MET E 173 -20.90 -60.88 16.73
CA SER E 174 -21.88 -58.21 14.29
CA SER E 175 -25.09 -58.14 12.30
CA THR E 176 -26.27 -55.30 10.08
CA LEU E 177 -29.30 -54.47 7.92
CA THR E 178 -28.75 -52.26 4.90
CA LEU E 179 -32.02 -50.91 3.49
CA THR E 180 -32.85 -47.98 1.21
CA LYS E 181 -33.91 -44.69 2.72
CA ASP E 182 -37.50 -45.30 1.62
CA GLU E 183 -37.96 -48.77 3.10
CA TYR E 184 -36.31 -47.56 6.28
CA GLU E 185 -38.70 -44.61 6.72
CA ARG E 186 -41.71 -46.63 5.64
CA HIS E 187 -41.41 -48.17 9.10
CA ASN E 188 -40.92 -47.41 12.82
CA SER E 189 -39.21 -49.97 15.05
CA TYR E 190 -36.29 -52.36 14.77
CA THR E 191 -35.29 -55.23 17.00
CA CYS E 192 -32.19 -57.36 17.49
CA GLU E 193 -33.33 -60.89 18.36
CA ALA E 194 -31.04 -63.24 20.24
CA THR E 195 -31.14 -66.71 21.80
CA SER E 196 -35.15 -67.18 26.21
CA PRO E 197 -35.35 -64.30 23.66
CA ILE E 198 -33.38 -61.20 24.57
CA VAL E 199 -34.14 -57.96 22.72
CA LYS E 200 -32.54 -54.61 21.91
CA SER E 201 -35.15 -52.20 20.60
CA PHE E 202 -35.09 -48.63 19.31
CA ASN E 203 -37.65 -46.35 17.63
CA ARG E 204 -36.37 -44.29 14.68
CA ASN E 205 -37.82 -41.25 16.40
CA GLU E 206 -36.42 -40.65 19.92
CA GLU F 1 -5.52 2.56 -35.88
CA VAL F 2 -8.46 4.03 -33.95
CA GLN F 3 -11.10 3.01 -31.34
CA LEU F 4 -12.32 3.24 -27.73
CA GLN F 5 -12.28 0.55 -25.05
CA GLN F 6 -14.60 0.95 -22.09
CA SER F 7 -13.83 -1.13 -19.02
CA GLY F 8 -15.29 -4.38 -17.81
CA ALA F 9 -18.92 -4.84 -16.85
CA GLU F 10 -19.66 -4.61 -13.16
CA LEU F 11 -22.52 -5.38 -10.76
CA VAL F 12 -23.16 -2.86 -8.03
CA LYS F 13 -25.32 -2.86 -4.95
CA PRO F 14 -27.90 -0.13 -4.74
CA GLY F 15 -26.58 3.04 -3.13
CA ALA F 16 -22.98 2.82 -4.29
CA SER F 17 -20.84 4.32 -7.05
CA VAL F 18 -19.19 2.90 -10.12
CA LYS F 19 -16.21 4.30 -12.01
CA LEU F 20 -16.52 3.49 -15.67
CA SER F 21 -13.74 4.34 -18.14
CA CYS F 22 -13.07 4.70 -21.88
CA THR F 23 -9.61 4.36 -23.45
CA ALA F 24 -7.75 5.41 -26.62
CA SER F 25 -6.18 3.51 -29.48
CA GLY F 26 -4.67 5.94 -31.96
CA PHE F 27 -5.61 9.49 -31.05
CA ASN F 28 -5.08 11.76 -28.08
CA ILE F 29 -8.02 12.31 -25.78
CA LYS F 30 -7.74 16.12 -25.94
CA ASP F 31 -8.33 15.72 -29.62
CA THR F 32 -12.09 16.06 -29.46
CA TYR F 33 -15.21 15.76 -27.34
CA MET F 34 -16.03 12.51 -25.65
CA HIS F 35 -19.32 11.36 -24.25
CA TRP F 36 -21.36 8.86 -22.36
CA VAL F 37 -24.60 7.61 -23.80
CA LYS F 38 -26.85 5.36 -21.74
CA GLN F 39 -29.10 2.55 -23.05
CA ARG F 40 -31.47 0.22 -21.16
CA PRO F 41 -33.63 -2.90 -21.99
CA GLU F 42 -35.12 -1.49 -25.18
CA GLN F 43 -35.12 2.20 -24.35
CA GLY F 44 -32.71 3.30 -27.04
CA LEU F 45 -29.71 5.49 -26.31
CA GLU F 46 -29.76 8.58 -24.12
CA TRP F 47 -26.91 11.13 -24.42
CA ILE F 48 -25.67 11.85 -20.88
CA GLY F 49 -22.82 14.29 -21.38
CA ARG F 50 -19.71 15.53 -23.17
CA ILE F 51 -16.42 16.58 -21.63
CA ASP F 52 -13.29 18.30 -22.92
CA PRO F 53 -9.85 16.92 -21.97
CA ALA F 54 -8.59 20.24 -23.30
CA ASN F 55 -10.55 22.78 -21.26
CA GLY F 56 -11.77 20.16 -18.83
CA TYR F 57 -15.33 21.42 -19.21
CA SER F 58 -18.40 19.09 -19.27
CA LYS F 59 -22.12 19.73 -19.84
CA TYR F 60 -24.90 17.25 -19.14
CA ASP F 61 -28.54 16.69 -19.82
CA PRO F 62 -30.03 18.30 -16.65
CA LYS F 63 -31.96 15.19 -15.67
CA PHE F 64 -28.55 13.41 -15.46
CA GLN F 65 -26.71 16.22 -13.69
CA GLY F 66 -27.16 14.52 -10.35
CA LYS F 67 -25.91 11.04 -11.19
CA ALA F 68 -22.95 11.13 -13.55
CA THR F 69 -19.80 13.23 -13.63
CA ILE F 70 -17.59 12.80 -16.69
CA THR F 71 -13.83 12.89 -16.31
CA ALA F 72 -10.57 12.43 -18.18
CA ASP F 73 -6.87 11.92 -17.72
CA THR F 74 -4.24 12.70 -20.31
CA SER F 75 -1.56 10.82 -18.38
CA SER F 76 -3.73 7.83 -19.20
CA ASN F 77 -5.61 8.39 -22.45
CA ALA F 78 -8.97 7.88 -20.82
CA ALA F 79 -12.26 9.59 -19.99
CA TYR F 80 -14.10 8.04 -17.03
CA LEU F 81 -17.64 8.15 -15.63
CA GLN F 82 -18.55 8.33 -11.98
CA LEU F 83 -22.20 7.25 -11.58
CA SER F 84 -23.33 7.30 -7.98
CA SER F 85 -26.04 6.92 -5.33
CA LEU F 86 -27.55 4.51 -7.87
CA THR F 87 -31.04 2.95 -7.85
CA SER F 88 -32.37 -0.51 -8.60
CA GLU F 89 -32.98 0.25 -12.24
CA ASP F 90 -30.11 2.77 -12.81
CA THR F 91 -29.12 -0.24 -14.92
CA ALA F 92 -27.86 -0.05 -18.45
CA VAL F 93 -25.06 -0.36 -20.89
CA TYR F 94 -23.30 2.94 -20.52
CA PHE F 95 -21.45 3.69 -23.80
CA CYS F 96 -18.78 6.35 -24.68
CA ALA F 97 -18.22 8.02 -28.08
CA ARG F 98 -16.01 10.56 -29.92
CA ASP F 99 -17.11 13.35 -32.36
CA TYR F 100 -19.04 16.63 -32.45
CA GLU F 101 -20.65 15.95 -35.81
CA GLY F 102 -22.16 12.50 -35.53
CA PHE F 103 -20.32 10.07 -33.30
CA ALA F 104 -17.88 7.91 -35.27
CA TYR F 105 -16.02 5.50 -32.95
CA TRP F 106 -17.94 4.10 -29.98
CA GLY F 107 -16.62 1.65 -27.43
CA GLN F 108 -17.76 -1.87 -26.47
CA GLY F 109 -20.76 -0.87 -24.35
CA THR F 110 -20.23 -1.54 -20.63
CA LEU F 111 -23.27 -3.01 -18.90
CA VAL F 112 -23.89 -2.05 -15.30
CA THR F 113 -26.50 -3.80 -13.15
CA VAL F 114 -27.70 -2.46 -9.84
CA SER F 115 -28.53 -5.46 -7.69
CA SER F 116 -28.55 -6.88 -4.18
CA ALA F 117 -27.83 -10.51 -5.04
CA LYS F 118 -24.20 -11.30 -5.87
CA THR F 119 -22.52 -12.38 -9.09
CA THR F 120 -22.45 -16.07 -10.01
CA PRO F 121 -20.16 -17.48 -12.72
CA PRO F 122 -21.81 -19.61 -15.43
CA SER F 123 -21.74 -23.41 -16.04
CA VAL F 124 -20.70 -23.79 -19.65
CA TYR F 125 -21.04 -27.36 -20.91
CA PRO F 126 -20.01 -28.15 -24.47
CA LEU F 127 -22.64 -29.79 -26.65
CA ALA F 128 -21.49 -32.33 -29.30
CA PRO F 129 -23.82 -33.47 -32.17
CA GLY F 130 -25.28 -36.93 -32.74
CA ALA F 131 -25.60 -38.68 -36.11
CA ALA F 132 -26.01 -35.35 -37.96
CA ALA F 133 -23.41 -35.59 -40.72
CA ALA F 134 -25.94 -34.69 -43.44
CA THR F 135 -26.00 -30.93 -44.02
CA SER F 136 -26.54 -29.48 -47.51
CA SER F 137 -23.76 -26.99 -46.78
CA SER F 138 -22.71 -26.75 -43.12
CA VAL F 139 -22.15 -29.07 -40.15
CA THR F 140 -23.65 -27.55 -36.99
CA LEU F 141 -22.85 -27.91 -33.27
CA GLY F 142 -22.84 -25.86 -30.05
CA CYS F 143 -22.31 -25.24 -26.31
CA LEU F 144 -24.54 -24.15 -23.40
CA VAL F 145 -23.94 -21.53 -20.67
CA LYS F 146 -26.31 -21.72 -17.68
CA GLY F 147 -26.82 -19.82 -14.41
CA TYR F 148 -25.12 -16.41 -14.18
CA PHE F 149 -26.23 -13.09 -12.79
CA PRO F 150 -25.15 -9.88 -14.47
CA GLU F 151 -26.29 -10.82 -17.96
CA PRO F 152 -23.13 -9.89 -19.80
CA VAL F 153 -21.43 -12.92 -21.33
CA THR F 154 -19.36 -12.48 -24.47
CA LEU F 155 -19.36 -15.76 -26.37
CA THR F 156 -16.54 -16.52 -28.79
CA TRP F 157 -15.73 -19.44 -31.09
CA ASN F 158 -12.06 -20.50 -31.57
CA SER F 159 -11.23 -17.05 -30.24
CA GLY F 160 -12.96 -16.30 -33.56
CA SER F 161 -11.16 -17.37 -36.71
CA LEU F 162 -13.38 -18.88 -39.42
CA SER F 163 -16.72 -18.74 -41.15
CA SER F 164 -17.68 -17.91 -37.63
CA GLY F 165 -21.16 -17.91 -38.93
CA VAL F 166 -22.27 -18.54 -35.40
CA HIS F 167 -25.65 -17.70 -33.87
CA THR F 168 -25.73 -16.45 -30.28
CA PHE F 169 -29.02 -16.80 -28.44
CA PRO F 170 -30.47 -14.18 -26.02
CA ALA F 171 -30.57 -14.82 -22.33
CA VAL F 172 -33.55 -16.07 -20.37
CA LEU F 173 -34.34 -15.82 -16.68
CA GLN F 174 -35.96 -18.69 -14.98
CA SER F 175 -35.23 -17.77 -11.38
CA ASP F 176 -32.37 -15.36 -10.75
CA LEU F 177 -29.49 -17.04 -12.41
CA TYR F 178 -29.54 -16.33 -16.18
CA THR F 179 -29.04 -18.79 -19.03
CA LEU F 180 -27.63 -18.68 -22.54
CA SER F 181 -26.98 -20.90 -25.55
CA SER F 182 -24.33 -20.92 -28.25
CA SER F 183 -24.30 -22.27 -31.81
CA VAL F 184 -21.52 -22.75 -34.36
CA THR F 185 -22.05 -24.32 -37.79
CA VAL F 186 -18.46 -24.95 -38.87
CA THR F 187 -17.58 -26.46 -42.23
CA SER F 188 -18.28 -30.16 -42.80
CA SER F 189 -14.73 -31.14 -43.77
CA THR F 190 -13.85 -29.12 -40.66
CA TRP F 191 -14.70 -30.93 -37.45
CA PRO F 192 -13.30 -34.14 -35.83
CA SER F 193 -9.64 -33.42 -36.80
CA GLN F 194 -9.14 -29.70 -36.37
CA THR F 195 -9.93 -28.63 -32.81
CA ILE F 196 -13.01 -26.55 -31.88
CA THR F 197 -13.73 -24.49 -28.77
CA CYS F 198 -16.36 -22.43 -26.91
CA ASN F 199 -14.92 -19.32 -25.24
CA VAL F 200 -17.24 -17.76 -22.63
CA ALA F 201 -16.64 -14.56 -20.64
CA HIS F 202 -18.46 -13.40 -17.51
CA PRO F 203 -17.20 -9.80 -17.16
CA ALA F 204 -18.96 -9.04 -13.88
CA SER F 205 -17.03 -11.76 -12.05
CA SER F 206 -13.77 -11.65 -13.98
CA THR F 207 -14.32 -15.16 -15.33
CA LYS F 208 -13.28 -16.33 -18.75
CA VAL F 209 -14.00 -19.96 -19.63
CA ASP F 210 -12.83 -22.06 -22.54
CA LYS F 211 -14.56 -25.32 -23.39
CA LYS F 212 -14.12 -28.75 -24.86
CA ILE F 213 -16.67 -29.63 -27.57
CA GLU F 214 -15.38 -33.15 -28.06
CA PRO F 215 -16.63 -35.54 -30.87
CA ARG F 216 -19.21 -38.09 -29.81
CA ASP G 1 -35.83 20.63 -23.71
CA ILE G 2 -35.53 19.56 -27.36
CA VAL G 3 -37.60 16.79 -28.97
CA LEU G 4 -37.25 14.32 -31.84
CA THR G 5 -39.90 12.46 -33.83
CA GLN G 6 -38.49 9.43 -35.58
CA SER G 7 -41.67 8.12 -37.07
CA PRO G 8 -41.91 4.91 -38.87
CA ALA G 9 -42.38 3.00 -35.61
CA SER G 10 -41.17 -0.28 -37.13
CA LEU G 11 -41.38 -1.20 -40.78
CA ALA G 12 -40.76 -4.22 -42.94
CA VAL G 13 -38.98 -3.48 -46.20
CA SER G 14 -38.48 -5.62 -49.29
CA LEU G 15 -34.91 -6.66 -50.09
CA GLY G 16 -34.56 -4.32 -53.03
CA GLN G 17 -36.33 -0.98 -52.49
CA ARG G 18 -36.37 2.43 -50.86
CA ALA G 19 -36.26 2.36 -47.08
CA THR G 20 -37.59 5.69 -45.89
CA ILE G 21 -37.20 6.91 -42.30
CA SER G 22 -37.88 10.34 -40.78
CA CYS G 23 -36.99 12.39 -37.72
CA ARG G 24 -38.72 15.68 -36.73
CA ALA G 25 -37.04 17.91 -34.15
CA SER G 26 -39.07 20.55 -32.31
CA GLU G 27 -36.62 23.45 -32.14
CA SER G 28 -34.07 24.31 -34.82
CA VAL G 29 -30.76 22.56 -35.48
CA VAL G 30 -29.27 24.97 -38.04
CA ARG G 31 -26.03 26.00 -36.37
CA TYR G 32 -23.20 27.35 -38.57
CA GLY G 33 -25.75 27.86 -41.33
CA ASN G 34 -25.47 24.03 -41.58
CA SER G 35 -28.17 21.93 -39.92
CA PHE G 36 -26.69 19.48 -37.39
CA MET G 37 -28.84 16.32 -37.77
CA HIS G 38 -27.03 12.97 -37.65
CA TRP G 39 -28.15 9.34 -38.08
CA TYR G 40 -27.13 5.98 -36.56
CA GLN G 41 -27.48 2.30 -37.29
CA GLN G 42 -27.33 0.06 -34.20
CA LYS G 43 -27.60 -3.71 -34.55
CA PRO G 44 -28.11 -6.46 -31.92
CA GLY G 45 -25.55 -6.33 -29.15
CA GLN G 46 -23.37 -3.70 -30.84
CA PRO G 47 -22.79 0.07 -30.45
CA PRO G 48 -24.54 2.55 -32.80
CA LYS G 49 -23.04 3.39 -36.21
CA LEU G 50 -22.94 6.87 -37.77
CA LEU G 51 -24.53 7.02 -41.24
CA ILE G 52 -24.98 10.71 -42.09
CA TYR G 53 -23.26 13.45 -40.06
CA ARG G 54 -24.54 16.83 -41.30
CA ALA G 55 -28.00 15.98 -42.67
CA SER G 56 -26.74 14.83 -46.11
CA SER G 57 -23.02 13.97 -46.13
CA LEU G 58 -22.14 10.27 -46.26
CA GLU G 59 -19.64 8.73 -43.89
CA SER G 60 -16.03 7.61 -44.07
CA GLY G 61 -16.82 4.31 -45.70
CA ILE G 62 -20.50 3.47 -45.82
CA PRO G 63 -22.38 1.92 -48.81
CA THR G 64 -23.91 4.53 -51.12
CA ARG G 65 -27.68 4.53 -50.73
CA PHE G 66 -27.75 5.88 -47.23
CA SER G 67 -28.26 9.63 -47.57
CA GLY G 68 -29.65 12.63 -45.83
CA SER G 69 -32.57 14.88 -46.67
CA GLY G 70 -33.56 17.84 -44.38
CA SER G 71 -34.18 21.45 -43.19
CA ARG G 72 -33.50 23.66 -40.17
CA THR G 73 -35.55 21.25 -38.01
CA ASP G 74 -37.13 18.45 -40.14
CA PHE G 75 -35.32 15.44 -41.67
CA THR G 76 -35.33 11.94 -43.22
CA LEU G 77 -32.96 8.99 -43.86
CA THR G 78 -33.04 6.80 -46.98
CA ILE G 79 -31.79 3.45 -48.21
CA ASN G 80 -32.91 2.34 -51.66
CA PRO G 81 -31.03 -0.90 -52.28
CA VAL G 82 -32.42 -2.29 -49.02
CA GLU G 83 -30.33 -5.41 -48.61
CA ALA G 84 -29.93 -8.35 -46.25
CA ASP G 85 -27.35 -6.31 -44.40
CA ASP G 86 -29.41 -3.40 -43.07
CA VAL G 87 -31.28 -4.92 -40.10
CA ALA G 88 -31.17 -2.36 -37.36
CA THR G 89 -32.90 0.30 -35.38
CA TYR G 90 -31.90 3.60 -36.84
CA TYR G 91 -31.16 6.63 -34.74
CA CYS G 92 -31.36 10.36 -35.01
CA GLN G 93 -29.33 12.81 -32.96
CA GLN G 94 -28.80 16.55 -32.54
CA THR G 95 -25.53 18.32 -31.72
CA ASN G 96 -26.45 22.01 -31.87
CA VAL G 97 -28.21 22.91 -28.59
CA ASP G 98 -26.82 20.94 -25.63
CA PRO G 99 -29.47 18.48 -25.15
CA TRP G 100 -27.53 16.66 -27.90
CA ALA G 101 -30.00 13.80 -27.50
CA PHE G 102 -31.31 11.25 -29.99
CA GLY G 103 -34.81 10.28 -30.96
CA GLY G 104 -36.56 7.04 -30.30
CA GLY G 105 -35.48 5.06 -33.32
CA THR G 106 -36.97 2.82 -36.01
CA LYS G 107 -36.58 -0.96 -36.29
CA LEU G 108 -36.07 -1.84 -39.93
CA GLU G 109 -37.17 -5.34 -40.79
CA ILE G 110 -36.11 -6.79 -44.12
CA LYS G 111 -38.15 -9.51 -45.78
CA ARG G 112 -36.65 -12.65 -47.13
CA ALA G 113 -37.45 -15.69 -49.21
CA ASP G 114 -39.42 -18.03 -47.00
CA ALA G 115 -37.47 -20.29 -44.61
CA ALA G 116 -36.38 -23.92 -44.90
CA PRO G 117 -35.37 -24.50 -41.21
CA THR G 118 -32.16 -26.34 -40.29
CA VAL G 119 -32.67 -28.48 -37.14
CA SER G 120 -29.88 -29.22 -34.71
CA ILE G 121 -30.67 -31.63 -31.84
CA PHE G 122 -28.22 -31.92 -28.93
CA PRO G 123 -28.08 -34.56 -26.12
CA PRO G 124 -26.69 -33.94 -22.56
CA SER G 125 -22.94 -33.83 -21.87
CA SER G 126 -21.04 -37.03 -20.94
CA GLU G 127 -19.92 -35.09 -17.86
CA GLN G 128 -21.51 -32.56 -15.52
CA LEU G 129 -24.59 -34.64 -16.21
CA THR G 130 -22.63 -35.84 -13.23
CA SER G 131 -24.61 -33.09 -11.59
CA GLY G 132 -28.14 -31.80 -11.92
CA GLY G 133 -30.00 -33.17 -14.88
CA ALA G 134 -30.79 -33.18 -18.56
CA SER G 135 -29.37 -30.85 -21.16
CA VAL G 136 -31.67 -31.27 -24.12
CA VAL G 137 -30.84 -28.61 -26.69
CA CYS G 138 -32.26 -28.13 -30.18
CA PHE G 139 -31.47 -24.69 -31.63
CA LEU G 140 -33.34 -24.61 -34.96
CA ASN G 141 -31.20 -22.59 -37.38
CA ASN G 142 -31.85 -20.19 -40.26
CA PHE G 143 -35.52 -19.56 -41.09
CA TYR G 144 -37.36 -16.41 -42.27
CA PRO G 145 -40.83 -16.05 -40.75
CA LYS G 146 -39.96 -14.72 -37.29
CA ASP G 147 -41.91 -17.47 -35.59
CA ILE G 148 -42.37 -21.25 -35.61
CA ASN G 149 -43.22 -23.15 -32.50
CA VAL G 150 -42.05 -26.50 -31.22
CA LYS G 151 -42.89 -29.44 -29.02
CA TRP G 152 -40.53 -31.63 -27.14
CA LYS G 153 -41.98 -35.18 -27.52
CA ILE G 154 -40.23 -36.86 -24.59
CA ASP G 155 -40.15 -40.63 -25.27
CA ARG G 156 -43.17 -30.93 -21.77
CA GLN G 157 -43.91 -27.67 -19.94
CA ASN G 158 -41.99 -27.67 -16.65
CA GLY G 159 -38.59 -27.72 -18.34
CA VAL G 160 -38.66 -25.76 -21.56
CA LEU G 161 -36.99 -22.45 -22.38
CA ASN G 162 -36.97 -20.87 -25.82
CA SER G 163 -34.76 -18.02 -26.94
CA TRP G 164 -34.69 -15.54 -29.81
CA THR G 165 -32.37 -14.99 -32.60
CA ASP G 166 -32.32 -11.65 -34.23
CA GLN G 167 -32.30 -11.20 -38.00
CA ASP G 168 -28.77 -11.93 -39.21
CA SER G 169 -26.16 -14.73 -38.75
CA THR G 170 -32.85 -15.25 -41.34
CA TYR G 171 -33.80 -16.11 -37.78
CA SER G 172 -33.13 -19.19 -35.69
CA MET G 173 -34.53 -20.42 -32.40
CA SER G 174 -33.34 -22.20 -29.31
CA SER G 175 -35.41 -24.53 -27.19
CA THR G 176 -34.15 -26.59 -24.26
CA LEU G 177 -35.54 -29.15 -21.79
CA THR G 178 -33.97 -29.29 -18.35
CA LEU G 179 -34.94 -32.46 -16.48
CA THR G 180 -33.42 -34.26 -13.49
CA LYS G 181 -31.06 -37.15 -14.07
CA ASP G 182 -33.75 -39.61 -12.94
CA GLU G 183 -36.56 -38.44 -15.22
CA TYR G 184 -34.11 -38.30 -18.09
CA GLU G 185 -32.95 -41.91 -17.63
CA ARG G 186 -36.46 -43.15 -16.92
CA HIS G 187 -36.92 -42.73 -20.67
CA ASN G 188 -35.39 -43.41 -24.11
CA SER G 189 -36.13 -41.06 -27.00
CA TYR G 190 -36.50 -37.32 -27.49
CA THR G 191 -37.90 -35.39 -30.43
CA CYS G 192 -37.81 -31.78 -31.61
CA GLU G 193 -41.15 -31.04 -33.26
CA ALA G 194 -41.47 -28.25 -35.79
CA THR G 195 -44.06 -26.79 -38.16
CA SER G 196 -45.90 -30.68 -42.30
CA PRO G 197 -44.11 -31.90 -39.10
CA ILE G 198 -40.34 -32.07 -39.33
CA VAL G 199 -38.46 -34.07 -36.69
CA LYS G 200 -34.99 -34.35 -35.16
CA SER G 201 -34.71 -37.54 -33.17
CA PHE G 202 -31.99 -39.12 -31.01
CA ASN G 203 -31.87 -42.14 -28.68
CA ARG G 204 -30.01 -41.61 -25.40
CA ASN G 205 -28.03 -44.74 -26.22
CA GLU G 206 -26.14 -44.56 -29.54
#